data_5D8W
#
_entry.id   5D8W
#
_cell.length_a   84.241
_cell.length_b   236.011
_cell.length_c   83.948
_cell.angle_alpha   90.00
_cell.angle_beta   90.00
_cell.angle_gamma   90.00
#
_symmetry.space_group_name_H-M   'C 2 2 21'
#
loop_
_entity.id
_entity.type
_entity.pdbx_description
1 polymer Endoglucanase
2 water water
#
_entity_poly.entity_id   1
_entity_poly.type   'polypeptide(L)'
_entity_poly.pdbx_seq_one_letter_code
;QSTVPAWGQCGGSVPASSAGKLQFAGVNIAGFDFGCGSDGTCNASGAWPPLTQYYGADGAGQMKHFVDDDGFNVFRLPVG
WQFITDGVAGGDIDEDNWAEYDALVQACLDAGASCIVDVHNYARFNGEIIGQGGPTNQDFAALWSSIAAKYADNDKIIFG
VMNEPHDVPDINLWADSVQAAVTAIRQAGATSQIILLPGNNWTSAETFVSNGSADALKKVTNPDGSVTNLIFDVHKYLDS
DNSGTHEECTTNNIDNAWAPLAEWLRCNGRQAFNTETGGGNVASCETFMCQQVAYQNANSDVFLGYVGWAAGNFYQGYVL
GEVPTDTNGVWTDTALVSACLAPNAQK
;
_entity_poly.pdbx_strand_id   A,B
#
# COMPACT_ATOMS: atom_id res chain seq x y z
N LEU A 22 11.00 -25.28 -8.28
CA LEU A 22 10.33 -26.41 -7.54
C LEU A 22 9.06 -26.01 -6.76
N GLN A 23 8.92 -24.77 -6.30
CA GLN A 23 7.62 -24.39 -5.74
C GLN A 23 6.56 -24.12 -6.83
N PHE A 24 6.97 -23.55 -7.97
CA PHE A 24 6.04 -23.16 -9.03
C PHE A 24 6.65 -23.50 -10.34
N ALA A 25 5.86 -24.03 -11.25
CA ALA A 25 6.23 -24.05 -12.65
C ALA A 25 5.01 -23.71 -13.47
N GLY A 26 5.20 -22.84 -14.47
CA GLY A 26 4.08 -22.30 -15.24
C GLY A 26 4.41 -21.87 -16.65
N VAL A 27 3.41 -21.32 -17.31
CA VAL A 27 3.62 -20.82 -18.66
C VAL A 27 2.88 -19.48 -18.82
N ASN A 28 3.41 -18.63 -19.70
CA ASN A 28 2.80 -17.35 -19.97
C ASN A 28 1.69 -17.56 -20.98
N ILE A 29 0.50 -17.05 -20.68
CA ILE A 29 -0.60 -17.14 -21.61
C ILE A 29 -0.77 -15.78 -22.26
N ALA A 30 -0.15 -15.60 -23.43
CA ALA A 30 -0.12 -14.30 -24.12
C ALA A 30 -1.31 -13.98 -25.02
N GLY A 31 -1.48 -12.69 -25.28
CA GLY A 31 -2.67 -12.20 -25.94
C GLY A 31 -3.04 -10.78 -25.56
N PHE A 32 -3.36 -10.53 -24.29
CA PHE A 32 -3.80 -9.18 -23.92
C PHE A 32 -2.61 -8.19 -24.04
N ASP A 33 -1.39 -8.71 -24.25
CA ASP A 33 -0.22 -7.87 -24.39
C ASP A 33 0.20 -7.58 -25.82
N PHE A 34 -0.46 -8.18 -26.80
CA PHE A 34 -0.11 -7.89 -28.19
C PHE A 34 -0.46 -6.42 -28.43
N GLY A 35 0.33 -5.76 -29.26
CA GLY A 35 0.23 -4.31 -29.41
C GLY A 35 0.90 -3.48 -28.31
N CYS A 36 1.58 -4.15 -27.36
CA CYS A 36 2.44 -3.45 -26.42
C CYS A 36 3.87 -3.38 -26.95
N GLY A 37 4.34 -2.20 -27.31
CA GLY A 37 5.74 -2.05 -27.68
C GLY A 37 6.64 -1.98 -26.46
N SER A 38 7.94 -2.07 -26.70
CA SER A 38 8.93 -2.00 -25.63
C SER A 38 9.06 -0.58 -25.02
N ASP A 39 8.45 0.41 -25.66
CA ASP A 39 8.51 1.78 -25.21
C ASP A 39 7.28 2.15 -24.38
N GLY A 40 6.49 1.16 -23.97
CA GLY A 40 5.35 1.40 -23.09
C GLY A 40 4.12 1.94 -23.78
N THR A 41 4.12 1.92 -25.11
CA THR A 41 2.95 2.32 -25.90
C THR A 41 2.14 1.08 -26.19
N CYS A 42 0.85 1.14 -25.92
CA CYS A 42 -0.01 -0.01 -26.18
C CYS A 42 -1.17 0.36 -27.02
N ASN A 43 -1.04 0.07 -28.31
CA ASN A 43 -2.16 -0.07 -29.22
C ASN A 43 -3.24 -0.94 -28.54
N ALA A 44 -4.03 -0.33 -27.65
CA ALA A 44 -5.08 -1.03 -26.87
C ALA A 44 -6.19 -1.67 -27.75
N SER A 45 -6.23 -1.28 -29.02
CA SER A 45 -7.00 -1.98 -30.05
C SER A 45 -6.38 -3.34 -30.40
N GLY A 46 -5.06 -3.37 -30.58
CA GLY A 46 -4.29 -4.59 -30.92
C GLY A 46 -4.24 -5.74 -29.91
N ALA A 47 -4.86 -5.59 -28.74
CA ALA A 47 -4.94 -6.66 -27.75
C ALA A 47 -5.85 -7.78 -28.21
N TRP A 48 -5.46 -9.03 -27.90
CA TRP A 48 -6.17 -10.18 -28.39
C TRP A 48 -6.23 -11.20 -27.30
N PRO A 49 -7.39 -11.31 -26.62
CA PRO A 49 -7.53 -12.22 -25.49
C PRO A 49 -7.36 -13.69 -25.89
N PRO A 50 -6.54 -14.46 -25.13
CA PRO A 50 -6.38 -15.86 -25.40
C PRO A 50 -7.47 -16.71 -24.77
N LEU A 51 -8.72 -16.40 -25.08
CA LEU A 51 -9.86 -17.21 -24.68
C LEU A 51 -10.75 -17.41 -25.90
N THR A 52 -11.32 -18.61 -26.06
CA THR A 52 -12.53 -18.78 -26.87
C THR A 52 -13.49 -17.78 -26.24
N GLN A 53 -14.60 -17.42 -26.89
CA GLN A 53 -15.24 -16.07 -26.72
C GLN A 53 -14.13 -15.19 -27.24
N TYR A 54 -14.31 -13.89 -27.26
CA TYR A 54 -13.22 -13.00 -27.68
C TYR A 54 -12.38 -13.50 -28.87
N TYR A 55 -12.78 -14.61 -29.48
CA TYR A 55 -12.25 -15.09 -30.74
C TYR A 55 -10.76 -15.27 -30.69
N GLY A 56 -10.31 -16.07 -29.72
CA GLY A 56 -8.91 -16.37 -29.55
C GLY A 56 -8.76 -17.84 -29.22
N ALA A 57 -7.54 -18.25 -28.88
CA ALA A 57 -7.30 -19.64 -28.52
C ALA A 57 -7.93 -20.00 -27.18
N ASP A 58 -8.02 -21.29 -26.92
CA ASP A 58 -8.70 -21.84 -25.74
C ASP A 58 -7.72 -21.87 -24.54
N GLY A 59 -7.34 -20.68 -24.06
CA GLY A 59 -6.43 -20.52 -22.95
C GLY A 59 -6.94 -21.17 -21.67
N ALA A 60 -8.25 -21.14 -21.47
CA ALA A 60 -8.82 -21.90 -20.37
C ALA A 60 -8.52 -23.39 -20.53
N GLY A 61 -8.69 -23.91 -21.75
CA GLY A 61 -8.38 -25.30 -22.08
C GLY A 61 -6.90 -25.57 -21.93
N GLN A 62 -6.08 -24.70 -22.51
CA GLN A 62 -4.63 -24.82 -22.42
C GLN A 62 -4.20 -24.93 -20.98
N MET A 63 -4.88 -24.19 -20.10
CA MET A 63 -4.55 -24.18 -18.69
C MET A 63 -5.03 -25.45 -18.02
N LYS A 64 -6.22 -25.95 -18.32
CA LYS A 64 -6.67 -27.25 -17.75
C LYS A 64 -5.68 -28.36 -18.00
N HIS A 65 -5.12 -28.36 -19.20
CA HIS A 65 -4.22 -29.43 -19.65
C HIS A 65 -2.87 -29.24 -19.02
N PHE A 66 -2.38 -28.02 -19.01
CA PHE A 66 -1.10 -27.73 -18.36
C PHE A 66 -1.11 -28.17 -16.90
N VAL A 67 -2.23 -27.97 -16.18
CA VAL A 67 -2.31 -28.46 -14.78
C VAL A 67 -2.51 -29.97 -14.74
N ASP A 68 -3.55 -30.46 -15.40
CA ASP A 68 -3.92 -31.87 -15.27
C ASP A 68 -2.92 -32.87 -15.83
N ASP A 69 -2.29 -32.56 -16.93
CA ASP A 69 -1.47 -33.56 -17.61
C ASP A 69 0.00 -33.27 -17.36
N ASP A 70 0.41 -32.01 -17.21
CA ASP A 70 1.85 -31.69 -17.12
C ASP A 70 2.30 -31.24 -15.73
N GLY A 71 1.36 -30.92 -14.85
CA GLY A 71 1.72 -30.58 -13.47
C GLY A 71 2.13 -29.15 -13.22
N PHE A 72 1.82 -28.26 -14.16
CA PHE A 72 2.05 -26.82 -14.01
C PHE A 72 1.11 -26.25 -12.95
N ASN A 73 1.52 -25.08 -12.43
CA ASN A 73 1.13 -24.55 -11.12
C ASN A 73 0.63 -23.12 -11.14
N VAL A 74 1.14 -22.36 -12.11
CA VAL A 74 1.00 -20.93 -12.18
C VAL A 74 0.92 -20.54 -13.65
N PHE A 75 0.20 -19.45 -13.94
CA PHE A 75 0.23 -18.84 -15.25
C PHE A 75 0.41 -17.37 -15.11
N ARG A 76 1.17 -16.82 -16.06
CA ARG A 76 1.44 -15.42 -16.11
C ARG A 76 0.51 -14.93 -17.18
N LEU A 77 -0.23 -13.87 -16.86
CA LEU A 77 -1.27 -13.33 -17.69
C LEU A 77 -0.90 -11.89 -18.00
N PRO A 78 -0.09 -11.70 -19.05
CA PRO A 78 0.28 -10.37 -19.48
C PRO A 78 -0.87 -9.56 -20.02
N VAL A 79 -0.85 -8.28 -19.66
CA VAL A 79 -1.80 -7.30 -20.14
C VAL A 79 -1.27 -5.89 -19.92
N GLY A 80 -1.67 -4.97 -20.80
CA GLY A 80 -1.20 -3.58 -20.76
C GLY A 80 -2.01 -2.64 -19.93
N TRP A 81 -1.31 -1.71 -19.27
CA TRP A 81 -1.91 -0.58 -18.57
C TRP A 81 -2.99 0.12 -19.37
N GLN A 82 -2.69 0.43 -20.62
CA GLN A 82 -3.66 1.11 -21.47
C GLN A 82 -4.90 0.27 -21.63
N PHE A 83 -4.75 -1.04 -21.70
CA PHE A 83 -5.94 -1.85 -21.78
C PHE A 83 -6.77 -1.74 -20.52
N ILE A 84 -6.09 -1.79 -19.38
CA ILE A 84 -6.78 -1.80 -18.11
C ILE A 84 -7.61 -0.58 -17.97
N THR A 85 -7.04 0.58 -18.33
CA THR A 85 -7.65 1.89 -18.13
C THR A 85 -8.26 2.55 -19.38
N ASP A 86 -8.24 1.86 -20.52
CA ASP A 86 -8.56 2.46 -21.84
C ASP A 86 -7.81 3.77 -22.12
N GLY A 87 -6.48 3.68 -22.14
CA GLY A 87 -5.63 4.79 -22.58
C GLY A 87 -5.23 5.82 -21.53
N VAL A 88 -5.35 5.52 -20.24
CA VAL A 88 -5.09 6.55 -19.25
C VAL A 88 -4.04 6.16 -18.20
N ALA A 89 -2.92 6.87 -18.16
CA ALA A 89 -1.88 6.63 -17.12
C ALA A 89 -2.36 7.01 -15.73
N GLY A 90 -3.15 6.11 -15.15
CA GLY A 90 -3.73 6.29 -13.84
C GLY A 90 -4.42 5.00 -13.45
N GLY A 91 -5.35 5.06 -12.49
CA GLY A 91 -5.89 3.85 -11.89
C GLY A 91 -7.38 3.65 -12.03
N ASP A 92 -8.01 4.35 -12.97
CA ASP A 92 -9.45 4.27 -13.11
C ASP A 92 -9.80 3.17 -14.11
N ILE A 93 -10.09 1.99 -13.58
CA ILE A 93 -10.26 0.73 -14.36
C ILE A 93 -11.48 0.73 -15.24
N ASP A 94 -11.28 0.46 -16.53
CA ASP A 94 -12.36 0.42 -17.49
C ASP A 94 -13.00 -0.94 -17.38
N GLU A 95 -14.30 -0.98 -17.10
CA GLU A 95 -14.99 -2.23 -16.72
C GLU A 95 -15.17 -3.25 -17.84
N ASP A 96 -15.41 -2.76 -19.05
CA ASP A 96 -15.54 -3.64 -20.21
C ASP A 96 -14.28 -4.41 -20.42
N ASN A 97 -13.17 -3.68 -20.50
CA ASN A 97 -11.89 -4.35 -20.68
C ASN A 97 -11.58 -5.29 -19.52
N TRP A 98 -11.73 -4.82 -18.29
CA TRP A 98 -11.48 -5.64 -17.12
C TRP A 98 -12.33 -6.91 -17.07
N ALA A 99 -13.54 -6.85 -17.60
CA ALA A 99 -14.36 -8.06 -17.77
C ALA A 99 -13.66 -9.16 -18.58
N GLU A 100 -13.01 -8.79 -19.68
CA GLU A 100 -12.29 -9.76 -20.49
C GLU A 100 -11.10 -10.30 -19.70
N TYR A 101 -10.32 -9.42 -19.08
CA TYR A 101 -9.12 -9.89 -18.39
C TYR A 101 -9.43 -10.69 -17.16
N ASP A 102 -10.47 -10.33 -16.43
CA ASP A 102 -10.85 -11.13 -15.28
C ASP A 102 -11.18 -12.57 -15.76
N ALA A 103 -11.92 -12.68 -16.87
CA ALA A 103 -12.32 -14.01 -17.41
C ALA A 103 -11.15 -14.96 -17.56
N LEU A 104 -9.99 -14.43 -17.90
CA LEU A 104 -8.77 -15.22 -18.00
C LEU A 104 -8.30 -15.60 -16.60
N VAL A 105 -8.17 -14.60 -15.71
CA VAL A 105 -7.80 -14.87 -14.33
C VAL A 105 -8.75 -15.89 -13.72
N GLN A 106 -10.05 -15.80 -14.03
CA GLN A 106 -10.97 -16.81 -13.51
C GLN A 106 -10.68 -18.17 -14.13
N ALA A 107 -10.32 -18.21 -15.40
CA ALA A 107 -10.02 -19.47 -16.06
C ALA A 107 -8.81 -20.14 -15.48
N CYS A 108 -7.87 -19.32 -15.02
CA CYS A 108 -6.67 -19.85 -14.44
C CYS A 108 -6.98 -20.34 -13.04
N LEU A 109 -7.82 -19.59 -12.35
CA LEU A 109 -8.12 -19.97 -11.01
C LEU A 109 -8.96 -21.23 -11.07
N ASP A 110 -9.83 -21.31 -12.10
CA ASP A 110 -10.68 -22.48 -12.35
C ASP A 110 -9.85 -23.71 -12.66
N ALA A 111 -8.74 -23.53 -13.39
CA ALA A 111 -7.82 -24.65 -13.64
C ALA A 111 -7.16 -25.18 -12.35
N GLY A 112 -7.26 -24.41 -11.27
CA GLY A 112 -6.77 -24.79 -9.94
C GLY A 112 -5.32 -24.37 -9.73
N ALA A 113 -4.99 -23.14 -10.09
CA ALA A 113 -3.61 -22.71 -10.13
C ALA A 113 -3.50 -21.28 -9.65
N SER A 114 -2.30 -20.87 -9.25
CA SER A 114 -2.05 -19.51 -8.77
C SER A 114 -1.77 -18.62 -9.97
N CYS A 115 -1.93 -17.32 -9.86
CA CYS A 115 -1.98 -16.50 -11.05
C CYS A 115 -1.39 -15.11 -11.04
N ILE A 116 -0.40 -14.91 -11.90
CA ILE A 116 0.35 -13.70 -11.92
C ILE A 116 -0.28 -12.69 -12.85
N VAL A 117 -0.71 -11.58 -12.25
CA VAL A 117 -1.24 -10.49 -12.99
C VAL A 117 -0.10 -9.54 -13.23
N ASP A 118 0.32 -9.52 -14.50
CA ASP A 118 1.52 -8.86 -14.98
C ASP A 118 1.17 -7.69 -15.87
N VAL A 119 1.51 -6.47 -15.44
CA VAL A 119 1.39 -5.27 -16.27
C VAL A 119 2.62 -5.17 -17.18
N HIS A 120 2.39 -5.25 -18.48
CA HIS A 120 3.44 -5.42 -19.50
C HIS A 120 3.86 -4.11 -20.18
N ASN A 121 4.40 -3.16 -19.41
CA ASN A 121 4.67 -1.81 -19.95
C ASN A 121 6.10 -1.36 -20.01
N TYR A 122 7.04 -2.19 -19.54
CA TYR A 122 8.47 -1.88 -19.64
C TYR A 122 8.82 -0.60 -18.86
N ALA A 123 8.04 -0.34 -17.83
CA ALA A 123 8.22 0.82 -16.96
C ALA A 123 7.90 2.13 -17.64
N ARG A 124 7.19 2.05 -18.76
CA ARG A 124 6.87 3.23 -19.52
C ARG A 124 5.40 3.31 -19.84
N PHE A 125 4.94 4.53 -20.11
CA PHE A 125 3.61 4.81 -20.69
C PHE A 125 3.90 5.72 -21.87
N ASN A 126 3.56 5.26 -23.06
CA ASN A 126 3.86 5.97 -24.29
C ASN A 126 5.25 6.67 -24.34
N GLY A 127 6.29 5.88 -24.20
CA GLY A 127 7.64 6.35 -24.42
C GLY A 127 8.30 7.00 -23.21
N GLU A 128 7.56 7.22 -22.13
CA GLU A 128 8.06 8.04 -21.04
C GLU A 128 8.12 7.23 -19.75
N ILE A 129 9.22 7.31 -19.03
CA ILE A 129 9.46 6.33 -17.95
C ILE A 129 8.73 6.73 -16.68
N ILE A 130 8.13 5.76 -16.02
CA ILE A 130 7.38 6.03 -14.81
C ILE A 130 8.36 6.52 -13.78
N GLY A 131 8.00 7.57 -13.04
CA GLY A 131 8.87 8.10 -11.99
C GLY A 131 9.94 9.05 -12.49
N GLN A 132 10.19 8.99 -13.80
CA GLN A 132 11.36 9.55 -14.44
C GLN A 132 10.98 10.07 -15.82
N GLY A 133 10.12 11.08 -15.84
CA GLY A 133 9.64 11.66 -17.09
C GLY A 133 8.19 11.33 -17.41
N GLY A 134 7.77 10.10 -17.10
CA GLY A 134 6.45 9.61 -17.48
C GLY A 134 5.44 9.85 -16.39
N PRO A 135 4.56 8.88 -16.14
CA PRO A 135 3.63 9.04 -15.05
C PRO A 135 4.32 9.02 -13.73
N THR A 136 3.69 9.60 -12.73
CA THR A 136 4.27 9.72 -11.40
C THR A 136 4.12 8.39 -10.71
N ASN A 137 4.81 8.27 -9.60
CA ASN A 137 4.66 7.11 -8.78
C ASN A 137 3.26 6.99 -8.24
N GLN A 138 2.55 8.10 -8.14
CA GLN A 138 1.18 8.07 -7.65
C GLN A 138 0.21 7.60 -8.71
N ASP A 139 0.43 7.99 -9.97
CA ASP A 139 -0.41 7.52 -11.09
C ASP A 139 -0.38 6.00 -11.14
N PHE A 140 0.81 5.45 -10.93
CA PHE A 140 1.10 4.01 -10.99
C PHE A 140 0.57 3.23 -9.79
N ALA A 141 0.82 3.77 -8.61
CA ALA A 141 0.30 3.24 -7.37
C ALA A 141 -1.19 3.18 -7.40
N ALA A 142 -1.80 4.22 -7.95
CA ALA A 142 -3.24 4.28 -8.19
C ALA A 142 -3.72 3.05 -8.93
N LEU A 143 -3.04 2.71 -10.02
CA LEU A 143 -3.34 1.50 -10.79
C LEU A 143 -3.35 0.27 -9.92
N TRP A 144 -2.25 0.07 -9.20
CA TRP A 144 -2.12 -1.13 -8.38
C TRP A 144 -3.08 -1.20 -7.22
N SER A 145 -3.47 -0.07 -6.64
CA SER A 145 -4.53 -0.10 -5.65
C SER A 145 -5.75 -0.75 -6.29
N SER A 146 -6.20 -0.20 -7.42
CA SER A 146 -7.37 -0.72 -8.15
C SER A 146 -7.29 -2.19 -8.45
N ILE A 147 -6.15 -2.62 -9.00
CA ILE A 147 -5.97 -4.03 -9.36
C ILE A 147 -6.07 -4.84 -8.09
N ALA A 148 -5.33 -4.43 -7.06
CA ALA A 148 -5.23 -5.17 -5.80
C ALA A 148 -6.57 -5.24 -5.08
N ALA A 149 -7.36 -4.18 -5.16
CA ALA A 149 -8.68 -4.17 -4.57
C ALA A 149 -9.56 -5.27 -5.20
N LYS A 150 -9.54 -5.40 -6.53
CA LYS A 150 -9.97 -6.65 -7.17
C LYS A 150 -9.10 -7.76 -6.60
N TYR A 151 -9.58 -8.96 -6.36
CA TYR A 151 -8.59 -10.02 -5.96
C TYR A 151 -7.82 -9.90 -4.61
N ALA A 152 -8.13 -8.97 -3.73
CA ALA A 152 -7.39 -8.86 -2.45
C ALA A 152 -7.47 -10.10 -1.58
N ASP A 153 -8.67 -10.61 -1.38
CA ASP A 153 -8.86 -11.76 -0.51
C ASP A 153 -8.28 -13.04 -1.10
N ASN A 154 -8.22 -13.12 -2.43
CA ASN A 154 -7.78 -14.35 -3.09
C ASN A 154 -6.26 -14.49 -3.02
N ASP A 155 -5.79 -15.45 -2.23
CA ASP A 155 -4.34 -15.61 -1.99
C ASP A 155 -3.60 -16.33 -3.13
N LYS A 156 -4.34 -16.86 -4.09
CA LYS A 156 -3.77 -17.50 -5.27
C LYS A 156 -3.17 -16.52 -6.29
N ILE A 157 -3.49 -15.24 -6.15
CA ILE A 157 -2.92 -14.20 -7.02
C ILE A 157 -1.50 -13.80 -6.61
N ILE A 158 -0.71 -13.49 -7.64
CA ILE A 158 0.63 -12.97 -7.50
C ILE A 158 0.68 -11.70 -8.28
N PHE A 159 1.17 -10.65 -7.64
CA PHE A 159 1.13 -9.33 -8.23
C PHE A 159 2.46 -9.02 -8.90
N GLY A 160 2.47 -9.14 -10.23
CA GLY A 160 3.65 -8.84 -11.02
C GLY A 160 3.70 -7.36 -11.34
N VAL A 161 4.42 -6.60 -10.50
CA VAL A 161 4.41 -5.13 -10.57
C VAL A 161 4.66 -4.57 -11.99
N MET A 162 5.68 -5.07 -12.65
CA MET A 162 5.99 -4.59 -14.00
C MET A 162 6.87 -5.58 -14.74
N ASN A 163 6.60 -5.69 -16.04
CA ASN A 163 7.35 -6.56 -16.90
C ASN A 163 8.53 -5.84 -17.51
N GLU A 164 9.72 -6.42 -17.37
CA GLU A 164 10.96 -5.96 -18.05
C GLU A 164 11.22 -4.46 -18.15
N PRO A 165 11.51 -3.82 -17.02
CA PRO A 165 12.16 -2.51 -17.10
C PRO A 165 13.50 -2.58 -17.85
N HIS A 166 13.80 -1.53 -18.61
CA HIS A 166 15.04 -1.46 -19.36
C HIS A 166 15.40 -0.03 -19.69
N ASP A 167 16.68 0.20 -19.97
CA ASP A 167 17.25 1.53 -20.20
C ASP A 167 16.65 2.57 -19.24
N VAL A 168 16.65 2.22 -17.97
CA VAL A 168 16.22 3.13 -16.94
C VAL A 168 17.44 3.80 -16.32
N PRO A 169 17.54 5.13 -16.45
CA PRO A 169 18.72 5.86 -15.97
C PRO A 169 19.01 5.76 -14.45
N ASP A 170 18.00 5.90 -13.58
CA ASP A 170 18.19 5.87 -12.11
C ASP A 170 17.36 4.79 -11.40
N ILE A 171 18.03 3.76 -10.96
CA ILE A 171 17.38 2.58 -10.39
C ILE A 171 16.89 2.78 -8.96
N ASN A 172 17.46 3.73 -8.24
CA ASN A 172 16.95 3.96 -6.89
C ASN A 172 15.59 4.56 -7.02
N LEU A 173 15.46 5.48 -7.96
CA LEU A 173 14.16 6.03 -8.28
C LEU A 173 13.16 4.97 -8.70
N TRP A 174 13.58 4.04 -9.53
CA TRP A 174 12.68 2.93 -9.87
C TRP A 174 12.28 2.09 -8.65
N ALA A 175 13.24 1.70 -7.83
CA ALA A 175 12.90 1.00 -6.62
C ALA A 175 11.83 1.75 -5.85
N ASP A 176 11.96 3.07 -5.83
CA ASP A 176 10.95 3.97 -5.20
C ASP A 176 9.55 3.83 -5.76
N SER A 177 9.45 3.79 -7.08
CA SER A 177 8.18 3.57 -7.75
C SER A 177 7.60 2.20 -7.45
N VAL A 178 8.48 1.22 -7.43
CA VAL A 178 8.10 -0.13 -7.04
C VAL A 178 7.63 -0.15 -5.57
N GLN A 179 8.25 0.68 -4.72
CA GLN A 179 7.80 0.79 -3.34
C GLN A 179 6.38 1.34 -3.24
N ALA A 180 6.10 2.39 -3.96
CA ALA A 180 4.76 2.95 -3.92
C ALA A 180 3.73 1.89 -4.31
N ALA A 181 4.06 1.08 -5.33
CA ALA A 181 3.13 0.06 -5.82
C ALA A 181 2.85 -0.94 -4.72
N VAL A 182 3.92 -1.40 -4.09
CA VAL A 182 3.81 -2.35 -2.99
C VAL A 182 2.90 -1.81 -1.91
N THR A 183 3.15 -0.58 -1.50
CA THR A 183 2.36 0.00 -0.45
C THR A 183 0.91 0.11 -0.91
N ALA A 184 0.69 0.58 -2.14
CA ALA A 184 -0.67 0.66 -2.65
C ALA A 184 -1.36 -0.68 -2.51
N ILE A 185 -0.65 -1.73 -2.91
CA ILE A 185 -1.21 -3.08 -2.95
C ILE A 185 -1.62 -3.60 -1.58
N ARG A 186 -0.76 -3.43 -0.56
CA ARG A 186 -1.08 -3.91 0.78
C ARG A 186 -2.18 -3.06 1.39
N GLN A 187 -2.23 -1.81 0.99
CA GLN A 187 -3.27 -0.93 1.47
C GLN A 187 -4.62 -1.21 0.88
N ALA A 188 -4.68 -1.95 -0.22
CA ALA A 188 -5.97 -2.42 -0.72
C ALA A 188 -6.37 -3.73 -0.02
N GLY A 189 -5.46 -4.21 0.84
CA GLY A 189 -5.71 -5.38 1.66
C GLY A 189 -5.27 -6.68 1.03
N ALA A 190 -4.26 -6.63 0.16
CA ALA A 190 -3.70 -7.83 -0.45
C ALA A 190 -2.46 -8.12 0.35
N THR A 191 -2.70 -8.66 1.53
CA THR A 191 -1.69 -8.73 2.53
C THR A 191 -1.04 -10.11 2.57
N SER A 192 -1.65 -11.07 1.89
CA SER A 192 -1.15 -12.45 1.87
C SER A 192 -0.29 -12.74 0.65
N GLN A 193 -0.45 -11.96 -0.41
CA GLN A 193 0.07 -12.35 -1.71
C GLN A 193 1.55 -12.04 -1.91
N ILE A 194 2.11 -12.75 -2.87
CA ILE A 194 3.44 -12.48 -3.38
C ILE A 194 3.36 -11.25 -4.25
N ILE A 195 4.38 -10.42 -4.14
CA ILE A 195 4.55 -9.34 -5.05
C ILE A 195 5.93 -9.49 -5.67
N LEU A 196 5.96 -9.44 -6.99
CA LEU A 196 7.20 -9.59 -7.71
C LEU A 196 7.75 -8.19 -7.90
N LEU A 197 9.07 -8.04 -7.80
CA LEU A 197 9.73 -6.75 -7.94
C LEU A 197 10.77 -6.88 -9.02
N PRO A 198 10.64 -6.11 -10.10
CA PRO A 198 11.53 -6.25 -11.24
C PRO A 198 12.61 -5.17 -11.29
N GLY A 199 13.81 -5.53 -11.71
CA GLY A 199 14.84 -4.55 -11.92
C GLY A 199 15.17 -4.28 -13.37
N ASN A 200 16.41 -3.87 -13.62
CA ASN A 200 16.79 -3.25 -14.88
C ASN A 200 17.30 -4.25 -15.95
N ASN A 201 17.69 -3.70 -17.10
CA ASN A 201 18.12 -4.47 -18.25
C ASN A 201 17.19 -5.65 -18.58
N TRP A 202 15.92 -5.33 -18.80
CA TRP A 202 14.89 -6.32 -19.11
C TRP A 202 14.77 -7.35 -17.99
N THR A 203 15.05 -6.89 -16.75
CA THR A 203 15.17 -7.80 -15.60
C THR A 203 16.09 -8.98 -15.87
N SER A 204 17.13 -8.80 -16.67
CA SER A 204 18.04 -9.88 -16.95
C SER A 204 18.57 -10.37 -15.61
N ALA A 205 18.55 -11.70 -15.45
CA ALA A 205 19.14 -12.35 -14.30
C ALA A 205 20.63 -12.22 -14.29
N GLU A 206 21.25 -12.23 -15.46
CA GLU A 206 22.71 -12.17 -15.58
C GLU A 206 23.27 -10.88 -14.96
N THR A 207 22.53 -9.78 -15.05
CA THR A 207 23.01 -8.45 -14.61
C THR A 207 22.27 -7.88 -13.41
N PHE A 208 21.44 -8.70 -12.77
CA PHE A 208 20.51 -8.21 -11.77
C PHE A 208 21.22 -7.66 -10.55
N VAL A 209 22.29 -8.34 -10.17
CA VAL A 209 23.10 -7.94 -9.03
C VAL A 209 24.13 -6.91 -9.49
N SER A 210 24.86 -7.18 -10.57
CA SER A 210 25.90 -6.24 -11.00
C SER A 210 25.36 -4.85 -11.37
N ASN A 211 24.22 -4.76 -12.05
CA ASN A 211 23.74 -3.46 -12.52
C ASN A 211 23.18 -2.57 -11.43
N GLY A 212 22.98 -3.11 -10.24
CA GLY A 212 22.55 -2.31 -9.10
C GLY A 212 21.15 -2.62 -8.63
N SER A 213 20.42 -3.45 -9.37
CA SER A 213 18.99 -3.57 -9.11
C SER A 213 18.72 -4.22 -7.76
N ALA A 214 19.33 -5.37 -7.53
CA ALA A 214 19.21 -6.12 -6.26
C ALA A 214 19.29 -5.25 -5.01
N ASP A 215 20.39 -4.53 -4.83
CA ASP A 215 20.55 -3.83 -3.57
C ASP A 215 19.68 -2.58 -3.40
N ALA A 216 19.11 -2.10 -4.49
CA ALA A 216 18.07 -1.07 -4.41
C ALA A 216 16.72 -1.67 -4.09
N LEU A 217 16.38 -2.80 -4.72
CA LEU A 217 15.09 -3.45 -4.46
C LEU A 217 15.08 -4.20 -3.14
N LYS A 218 16.26 -4.52 -2.63
CA LYS A 218 16.36 -5.02 -1.25
C LYS A 218 15.76 -4.00 -0.25
N LYS A 219 15.83 -2.72 -0.56
CA LYS A 219 15.29 -1.71 0.34
C LYS A 219 13.78 -1.67 0.39
N VAL A 220 13.12 -2.28 -0.60
CA VAL A 220 11.65 -2.25 -0.69
C VAL A 220 11.08 -3.13 0.40
N THR A 221 10.15 -2.57 1.17
CA THR A 221 9.56 -3.30 2.29
C THR A 221 8.04 -3.15 2.29
N ASN A 222 7.35 -4.08 2.96
CA ASN A 222 5.92 -3.97 3.20
C ASN A 222 5.74 -2.88 4.23
N PRO A 223 4.50 -2.40 4.43
CA PRO A 223 4.27 -1.32 5.43
C PRO A 223 4.81 -1.63 6.84
N ASP A 224 4.51 -2.80 7.40
CA ASP A 224 5.08 -3.22 8.70
C ASP A 224 6.62 -3.39 8.79
N GLY A 225 7.37 -3.01 7.74
CA GLY A 225 8.85 -3.05 7.77
C GLY A 225 9.54 -4.33 7.31
N SER A 226 8.76 -5.33 6.92
CA SER A 226 9.25 -6.64 6.51
C SER A 226 9.39 -6.83 5.00
N VAL A 227 10.11 -7.88 4.61
CA VAL A 227 10.28 -8.30 3.22
C VAL A 227 9.43 -9.53 2.85
N THR A 228 8.52 -9.91 3.73
CA THR A 228 7.74 -11.12 3.53
C THR A 228 7.07 -11.04 2.16
N ASN A 229 7.11 -12.16 1.44
CA ASN A 229 6.40 -12.26 0.15
C ASN A 229 6.72 -11.15 -0.87
N LEU A 230 7.97 -10.69 -0.84
CA LEU A 230 8.46 -9.76 -1.82
C LEU A 230 9.58 -10.45 -2.55
N ILE A 231 9.24 -11.02 -3.70
CA ILE A 231 10.14 -11.84 -4.45
C ILE A 231 10.60 -11.02 -5.62
N PHE A 232 11.86 -11.19 -6.00
CA PHE A 232 12.38 -10.55 -7.20
C PHE A 232 11.93 -11.27 -8.45
N ASP A 233 11.85 -10.52 -9.56
CA ASP A 233 11.40 -11.01 -10.86
C ASP A 233 12.62 -10.94 -11.78
N VAL A 234 12.96 -12.06 -12.40
CA VAL A 234 14.03 -12.06 -13.39
C VAL A 234 13.64 -12.89 -14.60
N HIS A 235 14.17 -12.47 -15.72
CA HIS A 235 13.98 -13.11 -17.00
C HIS A 235 15.37 -13.51 -17.52
N LYS A 236 15.41 -14.55 -18.33
CA LYS A 236 16.65 -14.99 -18.93
C LYS A 236 16.33 -15.98 -20.03
N TYR A 237 16.86 -15.70 -21.22
CA TYR A 237 16.66 -16.55 -22.38
C TYR A 237 17.97 -17.24 -22.72
N LEU A 238 17.94 -18.19 -23.66
CA LEU A 238 19.06 -19.11 -23.87
C LEU A 238 19.78 -18.92 -25.18
N ASP A 239 19.41 -17.90 -25.93
CA ASP A 239 20.04 -17.66 -27.22
C ASP A 239 21.20 -16.73 -26.97
N SER A 240 22.06 -16.59 -27.97
CA SER A 240 23.32 -15.81 -27.87
C SER A 240 23.18 -14.44 -27.18
N ASP A 241 22.22 -13.64 -27.63
CA ASP A 241 22.07 -12.24 -27.20
C ASP A 241 21.07 -12.01 -26.03
N ASN A 242 20.50 -13.10 -25.52
CA ASN A 242 19.41 -13.05 -24.54
C ASN A 242 18.07 -12.54 -25.07
N SER A 243 17.97 -12.32 -26.37
CA SER A 243 16.76 -11.76 -26.96
C SER A 243 15.56 -12.72 -26.85
N GLY A 244 15.81 -14.02 -26.91
CA GLY A 244 14.75 -15.01 -27.13
C GLY A 244 14.02 -14.71 -28.43
N THR A 245 14.78 -14.54 -29.50
CA THR A 245 14.17 -14.46 -30.83
C THR A 245 14.76 -15.50 -31.76
N HIS A 246 15.85 -16.13 -31.34
CA HIS A 246 16.51 -17.18 -32.11
C HIS A 246 15.99 -18.53 -31.68
N GLU A 247 16.00 -19.47 -32.62
CA GLU A 247 15.52 -20.80 -32.34
C GLU A 247 16.57 -21.66 -31.64
N GLU A 248 17.85 -21.37 -31.87
CA GLU A 248 18.92 -22.21 -31.32
C GLU A 248 19.42 -21.70 -29.98
N CYS A 249 19.29 -22.54 -28.96
CA CYS A 249 19.83 -22.25 -27.64
C CYS A 249 21.35 -22.46 -27.64
N THR A 250 22.04 -21.67 -26.83
CA THR A 250 23.49 -21.70 -26.79
C THR A 250 24.05 -21.76 -25.38
N THR A 251 23.19 -21.94 -24.38
CA THR A 251 23.65 -21.91 -22.99
C THR A 251 22.57 -22.25 -22.00
N ASN A 252 23.00 -22.61 -20.79
CA ASN A 252 22.09 -22.84 -19.69
C ASN A 252 22.15 -21.77 -18.60
N ASN A 253 22.99 -20.76 -18.76
CA ASN A 253 23.03 -19.62 -17.86
C ASN A 253 23.40 -19.93 -16.42
N ILE A 254 23.97 -21.11 -16.16
CA ILE A 254 24.26 -21.53 -14.77
C ILE A 254 25.42 -20.72 -14.23
N ASP A 255 26.50 -20.72 -14.99
CA ASP A 255 27.75 -20.12 -14.57
C ASP A 255 27.69 -18.61 -14.59
N ASN A 256 26.98 -18.08 -15.58
CA ASN A 256 26.95 -16.63 -15.76
C ASN A 256 25.72 -15.91 -15.19
N ALA A 257 24.73 -16.66 -14.67
CA ALA A 257 23.53 -16.04 -14.14
C ALA A 257 22.97 -16.72 -12.92
N TRP A 258 22.53 -17.96 -13.04
CA TRP A 258 21.84 -18.61 -11.93
C TRP A 258 22.71 -18.92 -10.75
N ALA A 259 23.95 -19.34 -10.97
CA ALA A 259 24.87 -19.57 -9.84
C ALA A 259 25.20 -18.30 -9.03
N PRO A 260 25.75 -17.23 -9.69
CA PRO A 260 26.03 -15.96 -9.00
C PRO A 260 24.82 -15.41 -8.27
N LEU A 261 23.68 -15.47 -8.93
CA LEU A 261 22.45 -14.94 -8.37
C LEU A 261 22.09 -15.67 -7.09
N ALA A 262 22.14 -17.00 -7.15
CA ALA A 262 21.75 -17.82 -6.01
C ALA A 262 22.65 -17.56 -4.82
N GLU A 263 23.95 -17.39 -5.09
CA GLU A 263 24.94 -17.06 -4.06
C GLU A 263 24.44 -15.86 -3.32
N TRP A 264 24.16 -14.80 -4.09
CA TRP A 264 23.72 -13.53 -3.55
C TRP A 264 22.38 -13.66 -2.81
N LEU A 265 21.42 -14.30 -3.46
CA LEU A 265 20.12 -14.47 -2.87
C LEU A 265 20.20 -15.21 -1.56
N ARG A 266 21.07 -16.22 -1.51
CA ARG A 266 21.10 -17.16 -0.39
C ARG A 266 21.59 -16.45 0.84
N CYS A 267 22.71 -15.76 0.71
CA CYS A 267 23.34 -15.15 1.85
C CYS A 267 22.62 -13.86 2.27
N ASN A 268 21.81 -13.31 1.36
CA ASN A 268 20.96 -12.14 1.67
C ASN A 268 19.56 -12.46 2.23
N GLY A 269 19.21 -13.73 2.31
CA GLY A 269 17.93 -14.15 2.87
C GLY A 269 16.75 -13.95 1.94
N ARG A 270 17.01 -13.81 0.66
CA ARG A 270 15.95 -13.46 -0.28
C ARG A 270 15.80 -14.46 -1.40
N GLN A 271 14.70 -14.36 -2.11
CA GLN A 271 14.36 -15.33 -3.14
C GLN A 271 14.02 -14.65 -4.45
N ALA A 272 14.30 -15.32 -5.55
CA ALA A 272 13.84 -14.86 -6.87
C ALA A 272 12.91 -15.85 -7.55
N PHE A 273 12.46 -15.46 -8.73
CA PHE A 273 11.40 -16.13 -9.47
C PHE A 273 11.61 -15.79 -10.91
N ASN A 274 11.95 -16.78 -11.72
CA ASN A 274 12.22 -16.53 -13.11
C ASN A 274 10.91 -16.52 -13.87
N THR A 275 10.40 -15.33 -14.21
CA THR A 275 9.08 -15.24 -14.84
C THR A 275 9.07 -15.30 -16.36
N GLU A 276 10.22 -15.29 -17.00
CA GLU A 276 10.25 -15.59 -18.41
C GLU A 276 11.48 -16.39 -18.77
N THR A 277 11.26 -17.50 -19.46
CA THR A 277 12.37 -18.21 -20.08
C THR A 277 11.82 -19.06 -21.19
N GLY A 278 12.70 -19.59 -22.02
CA GLY A 278 12.31 -20.53 -23.05
C GLY A 278 13.28 -20.62 -24.20
N GLY A 279 12.83 -21.33 -25.23
CA GLY A 279 13.62 -21.46 -26.45
C GLY A 279 12.90 -22.21 -27.55
N GLY A 280 13.64 -22.47 -28.62
CA GLY A 280 13.14 -23.21 -29.77
C GLY A 280 12.82 -24.64 -29.40
N ASN A 281 11.93 -25.24 -30.18
CA ASN A 281 11.56 -26.63 -30.00
C ASN A 281 12.54 -27.55 -30.76
N VAL A 282 13.80 -27.48 -30.35
CA VAL A 282 14.90 -28.10 -31.07
C VAL A 282 15.87 -28.71 -30.07
N ALA A 283 16.71 -29.60 -30.58
CA ALA A 283 17.59 -30.43 -29.74
C ALA A 283 18.53 -29.65 -28.82
N SER A 284 19.04 -28.54 -29.29
CA SER A 284 19.99 -27.75 -28.49
C SER A 284 19.28 -27.20 -27.26
N CYS A 285 18.05 -26.76 -27.46
CA CYS A 285 17.24 -26.26 -26.38
C CYS A 285 16.85 -27.38 -25.45
N GLU A 286 16.39 -28.49 -26.02
CA GLU A 286 16.01 -29.62 -25.19
C GLU A 286 17.12 -29.97 -24.19
N THR A 287 18.37 -29.85 -24.58
CA THR A 287 19.44 -30.13 -23.62
C THR A 287 19.65 -28.98 -22.62
N PHE A 288 19.90 -27.77 -23.09
CA PHE A 288 20.26 -26.65 -22.22
C PHE A 288 19.16 -26.22 -21.29
N MET A 289 17.94 -26.17 -21.81
CA MET A 289 16.76 -25.87 -21.01
C MET A 289 16.65 -26.83 -19.83
N CYS A 290 17.08 -28.07 -20.04
CA CYS A 290 17.02 -29.11 -19.02
C CYS A 290 18.02 -28.90 -17.91
N GLN A 291 19.26 -28.68 -18.31
CA GLN A 291 20.36 -28.37 -17.40
C GLN A 291 19.95 -27.19 -16.51
N GLN A 292 19.19 -26.27 -17.09
CA GLN A 292 18.74 -25.07 -16.41
C GLN A 292 17.62 -25.35 -15.40
N VAL A 293 16.60 -26.08 -15.83
CA VAL A 293 15.48 -26.42 -14.98
C VAL A 293 15.99 -27.27 -13.81
N ALA A 294 16.72 -28.35 -14.15
CA ALA A 294 17.48 -29.14 -13.16
C ALA A 294 18.19 -28.31 -12.09
N TYR A 295 18.91 -27.29 -12.54
CA TYR A 295 19.69 -26.45 -11.62
C TYR A 295 18.78 -25.61 -10.75
N GLN A 296 17.76 -25.04 -11.35
CA GLN A 296 16.77 -24.29 -10.60
C GLN A 296 16.21 -25.17 -9.47
N ASN A 297 15.79 -26.42 -9.76
CA ASN A 297 15.23 -27.31 -8.71
C ASN A 297 16.26 -27.59 -7.62
N ALA A 298 17.48 -27.86 -8.05
CA ALA A 298 18.58 -28.07 -7.13
C ALA A 298 18.72 -26.89 -6.15
N ASN A 299 18.42 -25.68 -6.62
CA ASN A 299 18.48 -24.48 -5.80
C ASN A 299 17.11 -23.95 -5.38
N SER A 300 16.16 -24.84 -5.15
CA SER A 300 14.78 -24.47 -4.80
C SER A 300 14.63 -23.60 -3.59
N ASP A 301 15.65 -23.50 -2.75
CA ASP A 301 15.54 -22.66 -1.56
C ASP A 301 15.45 -21.15 -1.93
N VAL A 302 16.13 -20.74 -3.00
CA VAL A 302 16.18 -19.33 -3.36
C VAL A 302 15.46 -18.99 -4.64
N PHE A 303 15.29 -19.96 -5.54
CA PHE A 303 14.36 -19.81 -6.67
C PHE A 303 13.02 -20.39 -6.24
N LEU A 304 11.90 -19.78 -6.65
CA LEU A 304 10.55 -20.34 -6.40
C LEU A 304 9.96 -20.99 -7.64
N GLY A 305 10.53 -20.70 -8.80
CA GLY A 305 10.04 -21.31 -10.01
C GLY A 305 10.37 -20.61 -11.30
N TYR A 306 9.93 -21.23 -12.38
CA TYR A 306 10.09 -20.71 -13.73
C TYR A 306 8.73 -20.62 -14.39
N VAL A 307 8.62 -19.76 -15.41
CA VAL A 307 7.41 -19.68 -16.23
C VAL A 307 7.85 -19.56 -17.67
N GLY A 308 7.43 -20.52 -18.48
CA GLY A 308 7.94 -20.62 -19.85
C GLY A 308 7.29 -19.58 -20.73
N TRP A 309 8.10 -18.90 -21.55
CA TRP A 309 7.51 -17.93 -22.42
C TRP A 309 7.02 -18.65 -23.63
N ALA A 310 5.71 -18.95 -23.56
CA ALA A 310 4.75 -18.60 -24.59
C ALA A 310 3.79 -19.66 -24.97
N ALA A 311 2.60 -19.62 -24.39
CA ALA A 311 1.41 -20.25 -24.95
C ALA A 311 0.43 -19.12 -25.15
N GLY A 312 -0.88 -19.35 -25.05
CA GLY A 312 -1.83 -18.28 -25.30
C GLY A 312 -2.19 -18.32 -26.75
N ASN A 313 -2.06 -17.22 -27.49
CA ASN A 313 -2.37 -17.32 -28.91
C ASN A 313 -1.30 -16.74 -29.79
N PHE A 314 -0.16 -17.43 -29.75
CA PHE A 314 0.85 -17.31 -30.77
C PHE A 314 0.48 -18.33 -31.84
N TYR A 315 0.86 -18.04 -33.08
CA TYR A 315 0.64 -18.94 -34.21
C TYR A 315 1.56 -20.15 -34.14
N GLN A 316 1.17 -21.24 -34.81
CA GLN A 316 1.86 -22.52 -34.66
C GLN A 316 3.39 -22.44 -34.72
N GLY A 317 3.91 -21.65 -35.66
CA GLY A 317 5.34 -21.64 -35.93
C GLY A 317 6.17 -20.68 -35.11
N TYR A 318 5.52 -19.96 -34.20
CA TYR A 318 6.21 -19.00 -33.35
C TYR A 318 7.52 -19.59 -32.79
N VAL A 319 8.59 -18.85 -32.95
CA VAL A 319 9.91 -19.38 -32.64
C VAL A 319 10.02 -19.95 -31.23
N LEU A 320 9.35 -19.33 -30.25
CA LEU A 320 9.40 -19.80 -28.84
C LEU A 320 8.08 -20.38 -28.39
N GLY A 321 7.29 -20.88 -29.32
CA GLY A 321 5.94 -21.33 -29.02
C GLY A 321 5.91 -22.52 -28.09
N GLU A 322 4.89 -22.53 -27.24
CA GLU A 322 4.67 -23.54 -26.22
C GLU A 322 3.16 -23.84 -26.18
N VAL A 323 2.50 -23.66 -27.33
CA VAL A 323 1.05 -23.84 -27.45
C VAL A 323 0.71 -25.28 -27.78
N PRO A 324 -0.08 -25.94 -26.93
CA PRO A 324 -0.49 -27.31 -27.15
C PRO A 324 -1.65 -27.39 -28.14
N THR A 325 -2.11 -28.60 -28.40
CA THR A 325 -3.07 -28.84 -29.46
C THR A 325 -4.21 -29.74 -29.00
N ASP A 326 -5.44 -29.32 -29.31
CA ASP A 326 -6.63 -30.03 -28.89
C ASP A 326 -7.22 -30.84 -30.05
N THR A 327 -6.93 -32.13 -30.05
CA THR A 327 -7.51 -33.05 -30.98
C THR A 327 -8.61 -33.83 -30.24
N ASN A 328 -9.82 -33.31 -30.36
CA ASN A 328 -11.05 -33.87 -29.75
C ASN A 328 -10.84 -34.26 -28.30
N GLY A 329 -10.45 -33.27 -27.50
CA GLY A 329 -10.22 -33.47 -26.08
C GLY A 329 -8.90 -34.12 -25.70
N VAL A 330 -7.91 -34.08 -26.61
CA VAL A 330 -6.60 -34.70 -26.39
C VAL A 330 -5.46 -33.72 -26.72
N TRP A 331 -4.67 -33.40 -25.71
CA TRP A 331 -3.73 -32.33 -25.83
C TRP A 331 -2.32 -32.82 -26.09
N THR A 332 -1.77 -32.35 -27.21
CA THR A 332 -0.39 -32.62 -27.61
C THR A 332 0.42 -31.42 -27.19
N ASP A 333 1.50 -31.67 -26.48
CA ASP A 333 2.47 -30.62 -26.24
C ASP A 333 3.53 -30.50 -27.31
N THR A 334 4.16 -29.33 -27.33
CA THR A 334 5.28 -29.09 -28.16
C THR A 334 6.51 -29.68 -27.51
N ALA A 335 7.50 -29.93 -28.36
CA ALA A 335 8.72 -30.65 -28.01
C ALA A 335 9.26 -30.26 -26.64
N LEU A 336 9.48 -28.96 -26.45
CA LEU A 336 10.21 -28.45 -25.28
C LEU A 336 9.47 -28.61 -23.97
N VAL A 337 8.15 -28.49 -24.01
CA VAL A 337 7.35 -28.68 -22.81
C VAL A 337 7.39 -30.12 -22.35
N SER A 338 7.09 -31.02 -23.29
CA SER A 338 7.01 -32.46 -23.03
C SER A 338 8.38 -33.05 -22.68
N ALA A 339 9.45 -32.44 -23.16
CA ALA A 339 10.78 -32.82 -22.75
C ALA A 339 11.14 -32.13 -21.42
N CYS A 340 11.56 -30.87 -21.46
CA CYS A 340 12.19 -30.28 -20.29
C CYS A 340 11.28 -29.49 -19.33
N LEU A 341 10.40 -28.68 -19.88
CA LEU A 341 9.66 -27.69 -19.09
C LEU A 341 8.51 -28.20 -18.23
N ALA A 342 7.85 -29.28 -18.60
CA ALA A 342 6.77 -29.81 -17.77
C ALA A 342 7.35 -30.56 -16.59
N PRO A 343 6.97 -30.17 -15.37
CA PRO A 343 7.36 -30.97 -14.20
C PRO A 343 7.37 -32.50 -14.40
N ASN A 344 6.30 -33.07 -14.98
CA ASN A 344 6.26 -34.47 -15.45
C ASN A 344 6.94 -34.74 -16.82
N ALA A 345 8.07 -35.43 -17.00
CA ALA A 345 9.29 -35.43 -16.20
C ALA A 345 10.18 -34.49 -16.95
N LEU B 22 -20.50 13.08 20.45
CA LEU B 22 -21.63 13.98 20.01
C LEU B 22 -21.21 15.43 19.79
N GLN B 23 -20.29 15.96 20.61
CA GLN B 23 -19.86 17.37 20.46
C GLN B 23 -18.99 17.62 19.23
N PHE B 24 -18.10 16.68 18.90
CA PHE B 24 -17.34 16.70 17.62
C PHE B 24 -17.53 15.45 16.79
N ALA B 25 -17.42 15.60 15.49
CA ALA B 25 -17.37 14.46 14.59
C ALA B 25 -16.64 14.87 13.31
N GLY B 26 -15.59 14.12 12.97
CA GLY B 26 -14.74 14.47 11.83
C GLY B 26 -14.23 13.27 11.03
N VAL B 27 -13.38 13.56 10.06
CA VAL B 27 -12.58 12.50 9.45
C VAL B 27 -11.12 12.98 9.36
N ASN B 28 -10.19 12.01 9.32
CA ASN B 28 -8.77 12.29 9.12
C ASN B 28 -8.52 12.59 7.66
N ILE B 29 -7.78 13.65 7.38
CA ILE B 29 -7.45 14.04 6.02
C ILE B 29 -5.96 13.82 5.87
N ALA B 30 -5.60 12.68 5.28
CA ALA B 30 -4.20 12.21 5.28
C ALA B 30 -3.43 12.54 4.01
N GLY B 31 -2.10 12.60 4.14
CA GLY B 31 -1.24 12.95 3.03
C GLY B 31 0.10 13.46 3.48
N PHE B 32 0.15 14.26 4.55
CA PHE B 32 1.43 14.78 5.04
C PHE B 32 2.16 13.78 5.92
N ASP B 33 1.47 12.69 6.25
CA ASP B 33 1.99 11.60 7.04
C ASP B 33 2.51 10.43 6.21
N PHE B 34 2.39 10.49 4.90
CA PHE B 34 2.80 9.37 4.09
C PHE B 34 4.32 9.28 4.18
N GLY B 35 4.83 8.07 4.30
CA GLY B 35 6.25 7.87 4.59
C GLY B 35 6.56 8.30 6.01
N CYS B 36 5.59 8.06 6.90
CA CYS B 36 5.82 8.13 8.31
C CYS B 36 5.70 6.71 8.84
N GLY B 37 6.85 6.08 9.05
CA GLY B 37 6.88 4.77 9.63
C GLY B 37 6.65 4.80 11.13
N SER B 38 6.26 3.64 11.64
CA SER B 38 6.04 3.38 13.06
C SER B 38 7.25 3.57 13.96
N ASP B 39 8.42 3.84 13.37
CA ASP B 39 9.64 4.06 14.16
C ASP B 39 9.95 5.56 14.33
N GLY B 40 9.02 6.43 13.96
CA GLY B 40 9.23 7.86 14.09
C GLY B 40 10.08 8.46 12.98
N THR B 41 10.42 7.64 11.97
CA THR B 41 11.14 8.16 10.80
C THR B 41 10.15 8.60 9.75
N CYS B 42 10.01 9.90 9.56
CA CYS B 42 9.31 10.40 8.39
C CYS B 42 10.36 10.97 7.44
N ASN B 43 10.03 10.91 6.16
CA ASN B 43 10.89 11.38 5.08
C ASN B 43 10.14 12.51 4.38
N ALA B 44 10.51 13.74 4.71
CA ALA B 44 9.81 14.94 4.22
C ALA B 44 9.52 14.91 2.70
N SER B 45 10.40 14.26 1.92
CA SER B 45 10.19 14.06 0.48
C SER B 45 8.92 13.25 0.19
N GLY B 46 8.58 12.32 1.07
CA GLY B 46 7.43 11.43 0.88
C GLY B 46 6.06 11.89 1.38
N ALA B 47 5.98 13.10 1.91
CA ALA B 47 4.68 13.66 2.32
C ALA B 47 3.94 14.12 1.07
N TRP B 48 2.68 13.74 0.95
CA TRP B 48 1.90 14.07 -0.23
C TRP B 48 0.68 14.89 0.15
N PRO B 49 0.86 16.21 0.28
CA PRO B 49 -0.22 17.14 0.63
C PRO B 49 -1.53 16.82 -0.11
N PRO B 50 -2.64 16.71 0.62
CA PRO B 50 -3.91 16.44 -0.01
C PRO B 50 -4.62 17.72 -0.43
N LEU B 51 -4.06 18.43 -1.40
CA LEU B 51 -4.68 19.66 -1.90
C LEU B 51 -4.41 19.70 -3.39
N THR B 52 -5.40 20.10 -4.19
CA THR B 52 -5.12 20.54 -5.56
C THR B 52 -4.07 21.60 -5.36
N GLN B 53 -3.21 21.89 -6.34
CA GLN B 53 -1.92 22.58 -6.06
C GLN B 53 -1.18 21.42 -5.54
N TYR B 54 0.09 21.55 -5.22
CA TYR B 54 0.77 20.42 -4.57
C TYR B 54 0.40 19.03 -5.20
N TYR B 55 -0.21 19.06 -6.39
CA TYR B 55 -0.61 17.90 -7.18
C TYR B 55 -1.20 16.76 -6.35
N GLY B 56 -2.16 17.07 -5.50
CA GLY B 56 -2.82 16.07 -4.69
C GLY B 56 -4.31 16.16 -4.88
N ALA B 57 -5.03 15.35 -4.11
CA ALA B 57 -6.49 15.34 -4.11
C ALA B 57 -7.13 16.62 -3.54
N ASP B 58 -8.43 16.78 -3.75
CA ASP B 58 -9.16 17.99 -3.38
C ASP B 58 -9.52 18.07 -1.89
N GLY B 59 -8.50 18.26 -1.06
CA GLY B 59 -8.66 18.26 0.39
C GLY B 59 -9.60 19.33 0.88
N ALA B 60 -9.40 20.54 0.35
CA ALA B 60 -10.33 21.65 0.64
C ALA B 60 -11.74 21.26 0.26
N GLY B 61 -11.89 20.69 -0.92
CA GLY B 61 -13.19 20.36 -1.44
C GLY B 61 -13.83 19.21 -0.71
N GLN B 62 -13.02 18.24 -0.30
CA GLN B 62 -13.53 17.15 0.50
C GLN B 62 -14.11 17.71 1.81
N MET B 63 -13.35 18.62 2.45
CA MET B 63 -13.74 19.13 3.76
C MET B 63 -15.06 19.88 3.72
N LYS B 64 -15.20 20.84 2.80
CA LYS B 64 -16.48 21.55 2.57
C LYS B 64 -17.64 20.59 2.42
N HIS B 65 -17.45 19.55 1.62
CA HIS B 65 -18.50 18.56 1.43
C HIS B 65 -18.88 17.88 2.74
N PHE B 66 -17.86 17.49 3.51
CA PHE B 66 -18.10 16.83 4.78
C PHE B 66 -18.82 17.72 5.76
N VAL B 67 -18.56 19.01 5.69
CA VAL B 67 -19.26 19.92 6.54
C VAL B 67 -20.67 20.15 6.01
N ASP B 68 -20.80 20.55 4.76
CA ASP B 68 -22.10 20.99 4.26
C ASP B 68 -23.07 19.84 4.04
N ASP B 69 -22.66 18.76 3.40
CA ASP B 69 -23.63 17.68 3.11
C ASP B 69 -23.77 16.70 4.27
N ASP B 70 -22.76 16.60 5.15
CA ASP B 70 -22.73 15.54 6.19
C ASP B 70 -22.72 16.01 7.65
N GLY B 71 -22.29 17.23 7.90
CA GLY B 71 -22.33 17.76 9.26
C GLY B 71 -21.21 17.24 10.14
N PHE B 72 -20.06 16.95 9.53
CA PHE B 72 -18.86 16.79 10.30
C PHE B 72 -18.48 18.20 10.72
N ASN B 73 -17.77 18.33 11.84
CA ASN B 73 -17.32 19.64 12.32
C ASN B 73 -15.88 19.71 12.83
N VAL B 74 -15.05 18.79 12.35
CA VAL B 74 -13.64 18.73 12.74
C VAL B 74 -12.90 17.78 11.79
N PHE B 75 -11.63 18.08 11.52
CA PHE B 75 -10.78 17.24 10.69
C PHE B 75 -9.41 17.17 11.32
N ARG B 76 -8.86 15.97 11.37
CA ARG B 76 -7.52 15.77 11.90
C ARG B 76 -6.57 15.78 10.73
N LEU B 77 -5.40 16.39 10.93
CA LEU B 77 -4.47 16.64 9.84
C LEU B 77 -3.11 16.09 10.23
N PRO B 78 -2.88 14.80 9.96
CA PRO B 78 -1.62 14.21 10.37
C PRO B 78 -0.45 14.87 9.67
N VAL B 79 0.68 15.01 10.35
CA VAL B 79 1.87 15.53 9.73
C VAL B 79 3.08 15.07 10.52
N GLY B 80 4.18 14.76 9.84
CA GLY B 80 5.40 14.29 10.51
C GLY B 80 6.29 15.42 10.98
N TRP B 81 6.74 15.36 12.23
CA TRP B 81 7.73 16.29 12.78
C TRP B 81 8.81 16.66 11.78
N GLN B 82 9.42 15.64 11.21
CA GLN B 82 10.45 15.83 10.19
C GLN B 82 9.95 16.75 9.07
N PHE B 83 8.72 16.57 8.64
CA PHE B 83 8.16 17.47 7.64
C PHE B 83 8.09 18.91 8.14
N ILE B 84 7.73 19.07 9.39
CA ILE B 84 7.52 20.40 9.92
C ILE B 84 8.83 21.18 9.99
N THR B 85 9.93 20.51 10.24
CA THR B 85 11.18 21.18 10.51
C THR B 85 12.25 20.89 9.48
N ASP B 86 11.88 20.19 8.40
CA ASP B 86 12.83 19.67 7.41
C ASP B 86 14.00 18.92 8.04
N GLY B 87 13.71 17.78 8.63
CA GLY B 87 14.76 16.87 9.09
C GLY B 87 15.26 17.01 10.51
N VAL B 88 14.98 18.15 11.15
CA VAL B 88 15.50 18.46 12.49
C VAL B 88 14.52 18.05 13.62
N ALA B 89 15.07 17.69 14.79
CA ALA B 89 14.29 17.46 16.00
C ALA B 89 14.45 18.65 16.92
N GLY B 90 13.71 19.69 16.63
CA GLY B 90 13.69 20.91 17.41
C GLY B 90 12.44 21.62 16.94
N GLY B 91 12.47 22.95 16.96
CA GLY B 91 11.29 23.74 16.60
C GLY B 91 11.51 24.90 15.64
N ASP B 92 12.53 24.81 14.80
CA ASP B 92 12.68 25.73 13.67
C ASP B 92 11.75 25.20 12.59
N ILE B 93 10.61 25.87 12.40
CA ILE B 93 9.72 25.50 11.31
C ILE B 93 10.42 25.89 10.00
N ASP B 94 10.36 25.01 9.01
CA ASP B 94 10.84 25.30 7.65
C ASP B 94 9.66 26.05 7.05
N GLU B 95 9.90 27.29 6.64
CA GLU B 95 8.84 28.19 6.18
C GLU B 95 8.06 27.66 4.99
N ASP B 96 8.78 27.00 4.07
CA ASP B 96 8.21 26.55 2.83
C ASP B 96 7.30 25.38 3.12
N ASN B 97 7.81 24.42 3.85
CA ASN B 97 7.01 23.29 4.25
C ASN B 97 5.78 23.74 5.03
N TRP B 98 6.02 24.45 6.13
CA TRP B 98 4.93 24.91 6.99
C TRP B 98 3.76 25.48 6.17
N ALA B 99 4.10 26.31 5.20
CA ALA B 99 3.10 26.95 4.38
C ALA B 99 2.16 25.95 3.74
N GLU B 100 2.71 24.82 3.32
CA GLU B 100 1.88 23.80 2.68
C GLU B 100 0.91 23.26 3.71
N TYR B 101 1.44 22.93 4.88
CA TYR B 101 0.61 22.40 5.96
C TYR B 101 -0.43 23.42 6.37
N ASP B 102 0.00 24.64 6.57
CA ASP B 102 -0.92 25.67 6.94
C ASP B 102 -2.05 25.86 5.92
N ALA B 103 -1.75 25.73 4.61
CA ALA B 103 -2.79 25.84 3.57
C ALA B 103 -3.90 24.87 3.81
N LEU B 104 -3.53 23.68 4.26
CA LEU B 104 -4.52 22.67 4.61
C LEU B 104 -5.30 23.09 5.87
N VAL B 105 -4.56 23.54 6.88
CA VAL B 105 -5.20 24.03 8.08
C VAL B 105 -6.21 25.15 7.77
N GLN B 106 -5.90 26.04 6.84
CA GLN B 106 -6.89 27.03 6.43
C GLN B 106 -8.05 26.39 5.69
N ALA B 107 -7.77 25.42 4.82
CA ALA B 107 -8.80 24.84 3.96
C ALA B 107 -9.96 24.30 4.77
N CYS B 108 -9.64 23.88 5.99
CA CYS B 108 -10.63 23.28 6.89
C CYS B 108 -11.26 24.27 7.87
N LEU B 109 -10.54 25.31 8.27
CA LEU B 109 -11.19 26.39 9.03
C LEU B 109 -12.24 27.04 8.13
N ASP B 110 -11.84 27.29 6.89
CA ASP B 110 -12.72 27.89 5.89
C ASP B 110 -13.87 26.98 5.49
N ALA B 111 -13.74 25.69 5.75
CA ALA B 111 -14.86 24.78 5.62
C ALA B 111 -15.89 24.99 6.72
N GLY B 112 -15.47 25.66 7.80
CA GLY B 112 -16.29 25.81 9.00
C GLY B 112 -15.56 25.25 10.20
N ALA B 113 -15.27 23.95 10.11
CA ALA B 113 -14.79 23.10 11.21
C ALA B 113 -13.64 23.56 12.08
N SER B 114 -13.52 22.93 13.24
CA SER B 114 -12.35 23.05 14.09
C SER B 114 -11.35 22.01 13.59
N CYS B 115 -10.09 22.16 13.92
CA CYS B 115 -9.10 21.39 13.19
C CYS B 115 -7.92 20.96 14.01
N ILE B 116 -7.72 19.65 14.05
CA ILE B 116 -6.72 19.03 14.90
C ILE B 116 -5.35 18.97 14.23
N VAL B 117 -4.37 19.64 14.82
CA VAL B 117 -2.98 19.50 14.40
C VAL B 117 -2.33 18.24 14.99
N ASP B 118 -2.17 17.22 14.16
CA ASP B 118 -1.63 15.95 14.62
C ASP B 118 -0.22 15.63 14.11
N VAL B 119 0.71 15.63 15.06
CA VAL B 119 2.11 15.26 14.85
C VAL B 119 2.24 13.74 14.89
N HIS B 120 2.57 13.16 13.73
CA HIS B 120 2.38 11.73 13.48
C HIS B 120 3.69 10.98 13.64
N ASN B 121 4.19 10.89 14.87
CA ASN B 121 5.55 10.36 15.09
C ASN B 121 5.73 9.17 16.05
N TYR B 122 4.63 8.64 16.58
CA TYR B 122 4.71 7.44 17.40
C TYR B 122 5.71 7.59 18.56
N ALA B 123 5.76 8.80 19.12
CA ALA B 123 6.63 9.21 20.24
C ALA B 123 8.10 9.12 19.93
N ARG B 124 8.42 9.06 18.64
CA ARG B 124 9.76 8.73 18.23
C ARG B 124 10.28 9.75 17.26
N PHE B 125 11.58 9.70 17.03
CA PHE B 125 12.24 10.44 15.99
C PHE B 125 13.33 9.52 15.48
N ASN B 126 13.23 9.11 14.21
CA ASN B 126 14.17 8.17 13.61
C ASN B 126 14.56 7.05 14.54
N GLY B 127 13.58 6.28 14.97
CA GLY B 127 13.87 5.08 15.74
C GLY B 127 13.98 5.25 17.25
N GLU B 128 14.26 6.44 17.76
CA GLU B 128 14.42 6.63 19.21
C GLU B 128 13.21 7.33 19.86
N ILE B 129 12.79 6.80 21.00
CA ILE B 129 11.68 7.33 21.80
C ILE B 129 11.99 8.69 22.43
N ILE B 130 11.07 9.63 22.29
CA ILE B 130 11.28 11.00 22.76
C ILE B 130 11.52 11.00 24.26
N GLY B 131 12.54 11.71 24.68
CA GLY B 131 12.84 11.89 26.10
C GLY B 131 13.43 10.67 26.79
N GLN B 132 13.76 9.65 26.01
CA GLN B 132 14.28 8.40 26.53
C GLN B 132 15.30 7.84 25.51
N GLY B 133 16.32 8.64 25.20
CA GLY B 133 17.33 8.27 24.21
C GLY B 133 17.18 9.09 22.94
N GLY B 134 15.93 9.27 22.53
CA GLY B 134 15.60 10.16 21.43
C GLY B 134 15.69 11.59 21.90
N PRO B 135 15.18 12.52 21.09
CA PRO B 135 15.11 13.95 21.36
C PRO B 135 14.63 14.24 22.78
N THR B 136 15.20 15.26 23.40
CA THR B 136 14.80 15.60 24.76
C THR B 136 13.48 16.36 24.76
N ASN B 137 12.91 16.44 25.96
CA ASN B 137 11.69 17.18 26.18
C ASN B 137 11.87 18.63 25.75
N GLN B 138 13.06 19.20 25.98
CA GLN B 138 13.32 20.59 25.56
C GLN B 138 13.11 20.74 24.05
N ASP B 139 13.65 19.78 23.28
CA ASP B 139 13.48 19.70 21.82
C ASP B 139 11.98 19.56 21.43
N PHE B 140 11.32 18.56 22.02
CA PHE B 140 9.89 18.31 21.74
C PHE B 140 9.04 19.52 22.09
N ALA B 141 9.27 20.05 23.27
CA ALA B 141 8.57 21.25 23.74
C ALA B 141 8.71 22.41 22.77
N ALA B 142 9.93 22.65 22.29
CA ALA B 142 10.20 23.73 21.35
C ALA B 142 9.31 23.63 20.13
N LEU B 143 9.27 22.44 19.55
CA LEU B 143 8.35 22.18 18.44
C LEU B 143 6.95 22.64 18.79
N TRP B 144 6.42 22.09 19.87
CA TRP B 144 5.06 22.45 20.30
C TRP B 144 4.90 23.92 20.66
N SER B 145 5.98 24.45 21.23
CA SER B 145 6.06 25.87 21.45
C SER B 145 5.82 26.60 20.13
N SER B 146 6.61 26.22 19.12
CA SER B 146 6.59 26.89 17.82
C SER B 146 5.27 26.75 17.11
N ILE B 147 4.68 25.57 17.15
CA ILE B 147 3.38 25.34 16.50
C ILE B 147 2.32 26.12 17.22
N ALA B 148 2.33 26.00 18.55
CA ALA B 148 1.40 26.74 19.43
C ALA B 148 1.40 28.25 19.15
N ALA B 149 2.60 28.83 19.12
CA ALA B 149 2.77 30.21 18.74
C ALA B 149 2.05 30.56 17.42
N LYS B 150 2.03 29.67 16.43
CA LYS B 150 1.33 29.98 15.18
C LYS B 150 -0.19 30.07 15.30
N TYR B 151 -0.79 29.25 16.15
CA TYR B 151 -2.25 29.24 16.25
C TYR B 151 -2.84 29.74 17.57
N ALA B 152 -1.98 30.33 18.41
CA ALA B 152 -2.34 30.74 19.78
C ALA B 152 -3.64 31.55 19.90
N ASP B 153 -3.89 32.39 18.90
CA ASP B 153 -5.12 33.20 18.79
C ASP B 153 -6.35 32.40 18.32
N ASN B 154 -6.13 31.27 17.64
CA ASN B 154 -7.26 30.52 17.09
C ASN B 154 -7.80 29.46 18.02
N ASP B 155 -9.11 29.49 18.24
CA ASP B 155 -9.75 28.64 19.24
C ASP B 155 -10.47 27.46 18.62
N LYS B 156 -10.41 27.34 17.29
CA LYS B 156 -10.92 26.16 16.59
C LYS B 156 -9.78 25.16 16.32
N ILE B 157 -8.57 25.53 16.71
CA ILE B 157 -7.46 24.63 16.66
C ILE B 157 -7.45 23.74 17.90
N ILE B 158 -7.03 22.48 17.67
CA ILE B 158 -6.90 21.45 18.68
C ILE B 158 -5.55 20.79 18.52
N PHE B 159 -4.82 20.56 19.62
CA PHE B 159 -3.42 20.15 19.56
C PHE B 159 -3.23 18.67 19.85
N GLY B 160 -3.04 17.87 18.82
CA GLY B 160 -2.69 16.46 18.97
C GLY B 160 -1.21 16.32 19.28
N VAL B 161 -0.90 16.23 20.56
CA VAL B 161 0.48 16.20 21.01
C VAL B 161 1.25 15.10 20.28
N MET B 162 0.68 13.90 20.25
CA MET B 162 1.33 12.75 19.62
C MET B 162 0.44 11.67 19.10
N ASN B 163 0.79 11.17 17.94
CA ASN B 163 0.07 10.06 17.41
C ASN B 163 0.64 8.71 17.89
N GLU B 164 -0.23 7.90 18.48
CA GLU B 164 0.05 6.50 18.77
C GLU B 164 1.41 6.18 19.36
N PRO B 165 1.71 6.68 20.58
CA PRO B 165 2.91 6.12 21.19
C PRO B 165 2.71 4.62 21.37
N HIS B 166 3.78 3.81 21.35
CA HIS B 166 3.59 2.37 21.56
C HIS B 166 4.49 1.69 22.59
N ASP B 167 5.69 1.31 22.25
CA ASP B 167 6.33 0.36 23.15
C ASP B 167 7.21 1.10 24.13
N VAL B 168 6.59 2.06 24.82
CA VAL B 168 7.27 2.95 25.73
C VAL B 168 7.47 2.24 27.06
N PRO B 169 8.74 2.00 27.44
CA PRO B 169 8.96 1.22 28.63
C PRO B 169 8.50 1.94 29.90
N ASP B 170 8.90 3.20 30.10
CA ASP B 170 8.43 3.91 31.31
C ASP B 170 7.51 5.08 30.99
N ILE B 171 6.25 4.87 31.37
CA ILE B 171 5.19 5.73 31.02
C ILE B 171 5.12 6.99 31.87
N ASN B 172 5.67 6.96 33.08
CA ASN B 172 5.71 8.17 33.91
C ASN B 172 6.56 9.23 33.26
N LEU B 173 7.67 8.80 32.68
CA LEU B 173 8.51 9.70 31.91
C LEU B 173 7.80 10.17 30.65
N TRP B 174 7.02 9.29 30.03
CA TRP B 174 6.24 9.67 28.84
C TRP B 174 5.20 10.71 29.22
N ALA B 175 4.51 10.51 30.33
CA ALA B 175 3.64 11.55 30.83
C ALA B 175 4.39 12.89 31.01
N ASP B 176 5.58 12.85 31.59
CA ASP B 176 6.37 14.07 31.80
C ASP B 176 6.64 14.84 30.52
N SER B 177 7.05 14.12 29.47
CA SER B 177 7.26 14.71 28.13
C SER B 177 6.01 15.38 27.62
N VAL B 178 4.89 14.67 27.79
CA VAL B 178 3.58 15.21 27.49
C VAL B 178 3.41 16.52 28.23
N GLN B 179 3.62 16.47 29.54
CA GLN B 179 3.53 17.66 30.38
C GLN B 179 4.38 18.83 29.88
N ALA B 180 5.61 18.57 29.47
CA ALA B 180 6.51 19.64 28.96
C ALA B 180 5.90 20.30 27.74
N ALA B 181 5.28 19.47 26.88
CA ALA B 181 4.55 19.97 25.71
C ALA B 181 3.39 20.91 26.09
N VAL B 182 2.64 20.52 27.12
CA VAL B 182 1.46 21.27 27.53
C VAL B 182 1.91 22.59 28.19
N THR B 183 2.92 22.52 29.06
CA THR B 183 3.55 23.73 29.59
C THR B 183 3.89 24.65 28.42
N ALA B 184 4.69 24.12 27.49
CA ALA B 184 5.14 24.86 26.31
C ALA B 184 3.99 25.52 25.53
N ILE B 185 2.94 24.74 25.24
CA ILE B 185 1.77 25.22 24.48
C ILE B 185 1.06 26.38 25.13
N ARG B 186 0.78 26.22 26.43
CA ARG B 186 0.11 27.28 27.21
C ARG B 186 1.09 28.44 27.48
N GLN B 187 2.37 28.14 27.72
CA GLN B 187 3.36 29.23 27.89
C GLN B 187 3.43 30.12 26.65
N ALA B 188 2.92 29.62 25.53
CA ALA B 188 2.93 30.34 24.26
C ALA B 188 1.58 30.93 23.81
N GLY B 189 0.68 31.26 24.73
CA GLY B 189 -0.56 31.97 24.39
C GLY B 189 -1.73 31.12 23.93
N ALA B 190 -1.59 29.80 24.01
CA ALA B 190 -2.67 28.89 23.55
C ALA B 190 -3.44 28.39 24.74
N THR B 191 -4.38 29.19 25.22
CA THR B 191 -5.05 28.86 26.46
C THR B 191 -6.50 28.44 26.25
N SER B 192 -7.08 28.77 25.11
CA SER B 192 -8.50 28.51 24.84
C SER B 192 -8.78 27.12 24.27
N GLN B 193 -7.74 26.41 23.85
CA GLN B 193 -7.87 25.25 22.97
C GLN B 193 -7.63 23.93 23.65
N ILE B 194 -8.29 22.91 23.12
CA ILE B 194 -8.10 21.55 23.55
C ILE B 194 -6.72 21.03 23.18
N ILE B 195 -6.10 20.30 24.09
CA ILE B 195 -4.83 19.63 23.86
C ILE B 195 -5.08 18.18 24.17
N LEU B 196 -4.64 17.28 23.30
CA LEU B 196 -4.97 15.86 23.45
C LEU B 196 -3.79 15.13 24.04
N LEU B 197 -4.06 14.06 24.76
CA LEU B 197 -3.06 13.47 25.60
C LEU B 197 -2.99 12.01 25.31
N PRO B 198 -1.92 11.57 24.66
CA PRO B 198 -1.93 10.20 24.18
C PRO B 198 -1.07 9.31 25.05
N GLY B 199 -1.54 8.09 25.26
CA GLY B 199 -0.79 7.11 26.00
C GLY B 199 -0.14 5.99 25.20
N ASN B 200 -0.11 4.82 25.81
CA ASN B 200 0.69 3.72 25.36
C ASN B 200 -0.17 2.72 24.57
N ASN B 201 0.50 1.79 23.89
CA ASN B 201 -0.15 0.78 23.05
C ASN B 201 -1.04 1.41 21.97
N TRP B 202 -0.44 2.31 21.19
CA TRP B 202 -1.12 2.93 20.05
C TRP B 202 -2.37 3.68 20.53
N THR B 203 -2.23 4.31 21.71
CA THR B 203 -3.35 4.90 22.47
C THR B 203 -4.63 4.07 22.43
N SER B 204 -4.50 2.75 22.42
CA SER B 204 -5.68 1.88 22.31
C SER B 204 -6.57 2.17 23.51
N ALA B 205 -7.85 2.39 23.23
CA ALA B 205 -8.82 2.71 24.26
C ALA B 205 -9.03 1.55 25.22
N GLU B 206 -8.72 0.36 24.74
CA GLU B 206 -8.96 -0.86 25.48
C GLU B 206 -8.01 -1.01 26.65
N THR B 207 -6.79 -0.52 26.49
CA THR B 207 -5.78 -0.69 27.52
C THR B 207 -5.49 0.61 28.22
N PHE B 208 -6.18 1.67 27.83
CA PHE B 208 -5.74 3.00 28.22
C PHE B 208 -5.60 3.16 29.73
N VAL B 209 -6.50 2.51 30.46
CA VAL B 209 -6.45 2.48 31.90
C VAL B 209 -5.46 1.43 32.40
N SER B 210 -5.80 0.18 32.10
CA SER B 210 -5.10 -1.00 32.64
C SER B 210 -3.58 -1.00 32.49
N ASN B 211 -3.05 -0.18 31.58
CA ASN B 211 -1.59 -0.01 31.43
C ASN B 211 -1.05 1.24 32.06
N GLY B 212 -1.83 1.89 32.92
CA GLY B 212 -1.35 3.08 33.64
C GLY B 212 -1.33 4.38 32.85
N SER B 213 -1.81 4.37 31.61
CA SER B 213 -1.77 5.59 30.80
C SER B 213 -2.63 6.65 31.45
N ALA B 214 -3.88 6.32 31.71
CA ALA B 214 -4.81 7.30 32.26
C ALA B 214 -4.29 7.92 33.55
N ASP B 215 -3.69 7.08 34.40
CA ASP B 215 -3.30 7.47 35.76
C ASP B 215 -2.10 8.41 35.73
N ALA B 216 -1.16 8.10 34.87
CA ALA B 216 0.00 8.93 34.70
C ALA B 216 -0.41 10.24 34.08
N LEU B 217 -1.28 10.16 33.09
CA LEU B 217 -1.69 11.32 32.30
C LEU B 217 -2.71 12.20 33.04
N LYS B 218 -3.57 11.56 33.81
CA LYS B 218 -4.40 12.25 34.79
C LYS B 218 -3.64 13.43 35.44
N LYS B 219 -2.43 13.16 35.89
CA LYS B 219 -1.69 14.14 36.67
C LYS B 219 -1.12 15.33 35.87
N VAL B 220 -1.23 15.27 34.54
CA VAL B 220 -0.80 16.38 33.67
C VAL B 220 -1.71 17.59 33.76
N THR B 221 -1.16 18.74 34.12
CA THR B 221 -1.99 19.92 34.32
C THR B 221 -1.49 21.09 33.51
N ASN B 222 -2.42 21.98 33.18
CA ASN B 222 -2.12 23.32 32.71
C ASN B 222 -1.30 24.07 33.76
N PRO B 223 -0.61 25.15 33.36
CA PRO B 223 0.30 25.81 34.30
C PRO B 223 -0.39 26.37 35.54
N ASP B 224 -1.62 26.85 35.37
CA ASP B 224 -2.48 27.32 36.48
C ASP B 224 -2.93 26.20 37.44
N GLY B 225 -2.34 25.02 37.32
CA GLY B 225 -2.73 23.86 38.12
C GLY B 225 -3.92 23.06 37.60
N SER B 226 -4.69 23.59 36.65
CA SER B 226 -5.94 22.95 36.21
C SER B 226 -5.78 21.91 35.10
N VAL B 227 -6.79 21.07 34.96
CA VAL B 227 -6.86 20.15 33.85
C VAL B 227 -7.97 20.56 32.88
N THR B 228 -8.34 21.82 32.90
CA THR B 228 -9.31 22.33 31.95
C THR B 228 -8.74 22.17 30.53
N ASN B 229 -9.53 21.54 29.67
CA ASN B 229 -9.28 21.49 28.22
C ASN B 229 -8.18 20.57 27.75
N LEU B 230 -7.79 19.63 28.63
CA LEU B 230 -6.81 18.59 28.33
C LEU B 230 -7.57 17.26 28.20
N ILE B 231 -7.81 16.82 26.99
CA ILE B 231 -8.61 15.62 26.71
C ILE B 231 -7.74 14.41 26.38
N PHE B 232 -8.22 13.23 26.70
CA PHE B 232 -7.51 12.01 26.36
C PHE B 232 -7.75 11.61 24.88
N ASP B 233 -6.67 11.20 24.22
CA ASP B 233 -6.60 10.88 22.80
C ASP B 233 -6.64 9.38 22.81
N VAL B 234 -7.72 8.77 22.36
CA VAL B 234 -7.73 7.30 22.27
C VAL B 234 -8.15 6.78 20.91
N HIS B 235 -7.58 5.62 20.59
CA HIS B 235 -7.69 5.02 19.27
C HIS B 235 -8.31 3.66 19.44
N LYS B 236 -9.21 3.31 18.53
CA LYS B 236 -9.70 1.93 18.49
C LYS B 236 -10.35 1.59 17.16
N TYR B 237 -9.73 0.65 16.44
CA TYR B 237 -10.25 0.14 15.17
C TYR B 237 -11.10 -1.10 15.44
N LEU B 238 -11.69 -1.70 14.40
CA LEU B 238 -12.68 -2.76 14.58
C LEU B 238 -12.28 -4.14 14.08
N ASP B 239 -11.29 -4.23 13.19
CA ASP B 239 -10.80 -5.54 12.75
C ASP B 239 -10.22 -6.27 13.98
N SER B 240 -10.04 -7.58 13.89
CA SER B 240 -9.76 -8.35 15.09
C SER B 240 -8.36 -8.13 15.73
N ASP B 241 -7.38 -7.72 14.95
CA ASP B 241 -6.07 -7.41 15.55
C ASP B 241 -5.97 -5.91 15.88
N ASN B 242 -7.07 -5.17 15.69
CA ASN B 242 -7.12 -3.74 15.98
C ASN B 242 -6.03 -2.92 15.27
N SER B 243 -5.78 -3.25 14.01
CA SER B 243 -4.76 -2.58 13.22
C SER B 243 -5.36 -1.62 12.22
N GLY B 244 -6.66 -1.78 11.94
CA GLY B 244 -7.30 -1.08 10.84
C GLY B 244 -6.62 -1.37 9.51
N THR B 245 -6.30 -2.63 9.27
CA THR B 245 -5.72 -3.00 8.00
C THR B 245 -6.58 -3.98 7.21
N HIS B 246 -7.56 -4.64 7.85
CA HIS B 246 -8.43 -5.58 7.17
C HIS B 246 -9.75 -4.91 6.94
N GLU B 247 -10.41 -5.28 5.84
CA GLU B 247 -11.70 -4.69 5.44
C GLU B 247 -12.81 -5.10 6.44
N GLU B 248 -12.70 -6.30 6.99
CA GLU B 248 -13.78 -6.89 7.77
C GLU B 248 -13.77 -6.47 9.26
N CYS B 249 -14.89 -5.92 9.72
CA CYS B 249 -15.08 -5.56 11.12
C CYS B 249 -15.62 -6.75 11.90
N THR B 250 -15.09 -6.91 13.11
CA THR B 250 -15.33 -8.09 13.97
C THR B 250 -15.93 -7.80 15.37
N THR B 251 -16.03 -6.53 15.79
CA THR B 251 -16.51 -6.17 17.14
C THR B 251 -17.03 -4.73 17.15
N ASN B 252 -18.02 -4.45 17.99
CA ASN B 252 -18.48 -3.07 18.15
C ASN B 252 -17.69 -2.32 19.23
N ASN B 253 -16.75 -3.00 19.87
CA ASN B 253 -15.81 -2.43 20.84
C ASN B 253 -16.38 -2.00 22.20
N ILE B 254 -17.70 -2.06 22.36
CA ILE B 254 -18.37 -1.52 23.55
C ILE B 254 -17.88 -2.13 24.85
N ASP B 255 -18.11 -3.42 25.02
CA ASP B 255 -17.89 -4.07 26.31
C ASP B 255 -16.42 -4.23 26.58
N ASN B 256 -15.67 -4.36 25.48
CA ASN B 256 -14.23 -4.63 25.47
C ASN B 256 -13.51 -3.40 25.98
N ALA B 257 -14.00 -2.23 25.57
CA ALA B 257 -13.31 -0.98 25.77
C ALA B 257 -14.18 0.22 26.17
N TRP B 258 -15.12 0.61 25.31
CA TRP B 258 -15.83 1.87 25.53
C TRP B 258 -16.60 1.88 26.84
N ALA B 259 -17.19 0.75 27.21
CA ALA B 259 -18.03 0.70 28.43
C ALA B 259 -17.20 0.91 29.70
N PRO B 260 -16.10 0.14 29.86
CA PRO B 260 -15.15 0.27 30.96
C PRO B 260 -14.46 1.59 31.00
N LEU B 261 -14.36 2.23 29.85
CA LEU B 261 -13.67 3.49 29.75
C LEU B 261 -14.57 4.64 30.16
N ALA B 262 -15.81 4.60 29.69
CA ALA B 262 -16.83 5.53 30.15
C ALA B 262 -16.86 5.54 31.69
N GLU B 263 -16.93 4.34 32.25
CA GLU B 263 -16.88 4.18 33.70
C GLU B 263 -15.76 4.98 34.32
N TRP B 264 -14.54 4.85 33.80
CA TRP B 264 -13.38 5.53 34.39
C TRP B 264 -13.42 7.04 34.23
N LEU B 265 -13.80 7.49 33.04
CA LEU B 265 -13.82 8.92 32.77
C LEU B 265 -14.82 9.59 33.72
N ARG B 266 -15.87 8.84 34.04
CA ARG B 266 -16.97 9.35 34.83
C ARG B 266 -16.63 9.39 36.31
N CYS B 267 -16.13 8.30 36.88
CA CYS B 267 -15.49 8.34 38.21
C CYS B 267 -14.60 9.57 38.43
N ASN B 268 -13.77 9.88 37.43
CA ASN B 268 -12.73 10.89 37.56
C ASN B 268 -13.05 12.22 36.88
N GLY B 269 -14.29 12.34 36.41
CA GLY B 269 -14.75 13.57 35.79
C GLY B 269 -13.86 14.06 34.65
N ARG B 270 -13.45 13.14 33.76
CA ARG B 270 -12.61 13.48 32.61
C ARG B 270 -13.29 13.15 31.32
N GLN B 271 -12.64 13.49 30.21
CA GLN B 271 -13.20 13.25 28.90
C GLN B 271 -12.19 12.67 27.93
N ALA B 272 -12.68 11.85 27.02
CA ALA B 272 -11.87 11.23 26.00
C ALA B 272 -12.37 11.67 24.64
N PHE B 273 -11.49 11.52 23.66
CA PHE B 273 -11.74 11.90 22.28
C PHE B 273 -11.11 10.81 21.44
N ASN B 274 -11.95 10.11 20.69
CA ASN B 274 -11.48 9.06 19.80
C ASN B 274 -10.98 9.59 18.47
N THR B 275 -9.67 9.77 18.34
CA THR B 275 -9.12 10.41 17.15
C THR B 275 -8.99 9.53 15.92
N GLU B 276 -8.81 8.22 16.10
CA GLU B 276 -8.76 7.29 14.97
C GLU B 276 -9.66 6.13 15.27
N THR B 277 -10.62 5.90 14.39
CA THR B 277 -11.36 4.65 14.30
C THR B 277 -11.77 4.50 12.85
N GLY B 278 -12.18 3.32 12.43
CA GLY B 278 -12.68 3.20 11.07
C GLY B 278 -13.00 1.78 10.70
N GLY B 279 -13.48 1.63 9.48
CA GLY B 279 -13.80 0.31 8.96
C GLY B 279 -13.75 0.22 7.46
N GLY B 280 -13.86 -1.01 6.98
CA GLY B 280 -13.99 -1.25 5.55
C GLY B 280 -15.35 -0.84 5.05
N ASN B 281 -15.46 -0.65 3.74
CA ASN B 281 -16.75 -0.33 3.14
C ASN B 281 -17.48 -1.60 2.73
N VAL B 282 -17.99 -2.28 3.74
CA VAL B 282 -18.68 -3.54 3.63
C VAL B 282 -19.82 -3.54 4.67
N ALA B 283 -20.72 -4.52 4.62
CA ALA B 283 -21.91 -4.51 5.49
C ALA B 283 -21.70 -5.00 6.95
N SER B 284 -20.56 -5.62 7.27
CA SER B 284 -20.24 -5.98 8.66
C SER B 284 -19.88 -4.75 9.51
N CYS B 285 -19.12 -3.82 8.94
CA CYS B 285 -18.82 -2.55 9.60
C CYS B 285 -20.08 -1.69 9.70
N GLU B 286 -20.89 -1.72 8.65
CA GLU B 286 -22.17 -1.02 8.70
C GLU B 286 -22.89 -1.37 10.01
N THR B 287 -22.84 -2.64 10.42
CA THR B 287 -23.47 -3.05 11.67
C THR B 287 -22.75 -2.48 12.90
N PHE B 288 -21.50 -2.91 13.12
CA PHE B 288 -20.74 -2.56 14.33
C PHE B 288 -20.42 -1.07 14.49
N MET B 289 -20.12 -0.38 13.39
CA MET B 289 -19.80 1.06 13.47
C MET B 289 -20.98 1.90 13.89
N CYS B 290 -22.16 1.60 13.36
CA CYS B 290 -23.37 2.25 13.80
C CYS B 290 -23.57 2.03 15.28
N GLN B 291 -23.30 0.80 15.70
CA GLN B 291 -23.40 0.43 17.09
C GLN B 291 -22.42 1.22 17.93
N GLN B 292 -21.16 1.26 17.50
CA GLN B 292 -20.16 2.00 18.23
C GLN B 292 -20.57 3.47 18.34
N VAL B 293 -20.92 4.04 17.21
CA VAL B 293 -21.30 5.43 17.16
C VAL B 293 -22.53 5.69 18.05
N ALA B 294 -23.48 4.75 18.05
CA ALA B 294 -24.64 4.86 18.94
C ALA B 294 -24.18 4.99 20.40
N TYR B 295 -23.28 4.10 20.84
CA TYR B 295 -22.76 4.14 22.21
C TYR B 295 -22.02 5.43 22.54
N GLN B 296 -21.19 5.91 21.63
CA GLN B 296 -20.43 7.14 21.90
C GLN B 296 -21.39 8.26 22.13
N ASN B 297 -22.34 8.44 21.22
CA ASN B 297 -23.37 9.48 21.35
C ASN B 297 -24.17 9.37 22.65
N ALA B 298 -24.47 8.15 23.05
CA ALA B 298 -25.08 7.93 24.35
C ALA B 298 -24.20 8.36 25.52
N ASN B 299 -22.94 8.69 25.28
CA ASN B 299 -22.05 9.13 26.31
C ASN B 299 -21.33 10.43 25.94
N SER B 300 -22.05 11.38 25.34
CA SER B 300 -21.49 12.71 25.09
C SER B 300 -20.68 13.24 26.28
N ASP B 301 -21.22 13.13 27.48
CA ASP B 301 -20.57 13.68 28.68
C ASP B 301 -19.08 13.33 28.84
N VAL B 302 -18.70 12.06 28.63
CA VAL B 302 -17.27 11.68 28.68
C VAL B 302 -16.59 11.59 27.31
N PHE B 303 -17.33 11.20 26.27
CA PHE B 303 -16.77 11.12 24.92
C PHE B 303 -17.05 12.40 24.18
N LEU B 304 -16.00 13.02 23.66
CA LEU B 304 -16.16 14.27 22.94
C LEU B 304 -16.60 14.06 21.49
N GLY B 305 -16.04 13.04 20.86
CA GLY B 305 -16.38 12.68 19.50
C GLY B 305 -15.45 11.65 18.87
N TYR B 306 -15.65 11.43 17.56
CA TYR B 306 -14.85 10.49 16.81
C TYR B 306 -14.32 11.11 15.53
N VAL B 307 -13.21 10.55 15.04
CA VAL B 307 -12.61 11.00 13.81
C VAL B 307 -12.24 9.77 12.98
N GLY B 308 -13.00 9.62 11.90
CA GLY B 308 -12.89 8.48 11.04
C GLY B 308 -11.54 8.51 10.38
N TRP B 309 -10.85 7.39 10.43
CA TRP B 309 -9.61 7.35 9.70
C TRP B 309 -9.91 6.95 8.26
N ALA B 310 -9.59 7.91 7.38
CA ALA B 310 -9.21 7.66 6.02
C ALA B 310 -9.94 8.53 5.00
N ALA B 311 -9.48 9.76 4.79
CA ALA B 311 -9.77 10.51 3.57
C ALA B 311 -8.47 11.22 3.19
N GLY B 312 -8.52 12.35 2.51
CA GLY B 312 -7.26 12.90 1.97
C GLY B 312 -6.87 12.18 0.67
N ASN B 313 -5.62 11.76 0.52
CA ASN B 313 -5.26 11.17 -0.76
C ASN B 313 -4.78 9.73 -0.70
N PHE B 314 -5.52 8.93 0.06
CA PHE B 314 -5.52 7.48 -0.12
C PHE B 314 -6.26 7.14 -1.40
N TYR B 315 -5.82 6.08 -2.08
CA TYR B 315 -6.45 5.66 -3.36
C TYR B 315 -7.83 4.99 -3.17
N GLN B 316 -8.68 4.97 -4.18
CA GLN B 316 -10.05 4.45 -3.96
C GLN B 316 -10.04 2.98 -3.54
N GLY B 317 -9.11 2.20 -4.08
CA GLY B 317 -8.96 0.82 -3.63
C GLY B 317 -8.74 0.67 -2.12
N TYR B 318 -8.08 1.64 -1.51
CA TYR B 318 -7.69 1.61 -0.10
C TYR B 318 -8.74 1.02 0.80
N VAL B 319 -8.27 0.15 1.70
CA VAL B 319 -9.11 -0.79 2.43
C VAL B 319 -10.09 -0.11 3.36
N LEU B 320 -9.68 1.05 3.86
CA LEU B 320 -10.39 1.75 4.92
C LEU B 320 -10.75 3.15 4.44
N GLY B 321 -10.98 3.32 3.16
CA GLY B 321 -11.09 4.65 2.57
C GLY B 321 -12.44 5.30 2.72
N GLU B 322 -12.41 6.57 3.12
CA GLU B 322 -13.60 7.37 3.29
C GLU B 322 -13.56 8.56 2.28
N VAL B 323 -12.66 8.47 1.30
CA VAL B 323 -12.56 9.51 0.27
C VAL B 323 -13.87 9.59 -0.49
N PRO B 324 -14.47 10.78 -0.51
CA PRO B 324 -15.63 10.99 -1.32
C PRO B 324 -15.24 11.28 -2.74
N THR B 325 -16.05 10.81 -3.69
CA THR B 325 -15.89 11.16 -5.12
C THR B 325 -16.65 12.45 -5.49
N ASP B 326 -15.97 13.31 -6.27
CA ASP B 326 -16.60 14.46 -6.88
C ASP B 326 -16.71 14.22 -8.38
N THR B 327 -17.94 14.19 -8.85
CA THR B 327 -18.20 14.23 -10.29
C THR B 327 -19.36 15.21 -10.45
N ASN B 328 -19.29 16.06 -11.47
CA ASN B 328 -20.35 17.04 -11.74
C ASN B 328 -20.29 18.27 -10.80
N GLY B 329 -19.74 18.10 -9.59
CA GLY B 329 -19.92 19.07 -8.49
C GLY B 329 -20.83 18.48 -7.42
N VAL B 330 -21.37 17.29 -7.71
CA VAL B 330 -22.17 16.55 -6.76
C VAL B 330 -21.32 15.41 -6.19
N TRP B 331 -20.97 15.56 -4.92
CA TRP B 331 -20.13 14.60 -4.19
C TRP B 331 -20.91 13.38 -3.72
N THR B 332 -20.26 12.23 -3.75
CA THR B 332 -20.86 11.00 -3.25
C THR B 332 -19.92 10.45 -2.17
N ASP B 333 -20.43 9.61 -1.25
CA ASP B 333 -19.64 9.04 -0.14
C ASP B 333 -19.53 7.52 -0.14
N THR B 334 -18.53 7.02 0.57
CA THR B 334 -18.33 5.58 0.67
C THR B 334 -19.42 5.04 1.57
N ALA B 335 -19.68 3.74 1.53
CA ALA B 335 -20.82 3.16 2.27
C ALA B 335 -20.69 3.38 3.77
N LEU B 336 -19.51 3.10 4.31
CA LEU B 336 -19.30 3.26 5.74
C LEU B 336 -19.63 4.67 6.23
N VAL B 337 -19.30 5.68 5.43
CA VAL B 337 -19.59 7.06 5.81
C VAL B 337 -21.08 7.40 5.71
N SER B 338 -21.70 7.07 4.57
CA SER B 338 -23.11 7.35 4.36
C SER B 338 -24.03 6.59 5.32
N ALA B 339 -23.62 5.38 5.73
CA ALA B 339 -24.40 4.61 6.70
C ALA B 339 -24.16 5.12 8.12
N CYS B 340 -22.98 4.86 8.67
CA CYS B 340 -22.79 4.97 10.10
C CYS B 340 -22.13 6.24 10.58
N LEU B 341 -21.21 6.80 9.79
CA LEU B 341 -20.33 7.87 10.29
C LEU B 341 -20.83 9.30 10.15
N ALA B 342 -21.54 9.64 9.08
CA ALA B 342 -22.03 10.99 8.98
C ALA B 342 -23.01 11.23 10.14
N PRO B 343 -22.87 12.37 10.85
CA PRO B 343 -23.92 12.71 11.80
C PRO B 343 -25.30 12.97 11.16
N ASN B 344 -25.36 13.08 9.83
CA ASN B 344 -26.63 13.22 9.10
C ASN B 344 -27.29 11.91 8.71
N ALA B 345 -26.73 10.78 9.15
CA ALA B 345 -27.27 9.48 8.79
C ALA B 345 -28.45 9.06 9.67
#